data_5NN3
#
_entry.id   5NN3
#
_cell.length_a   97.660
_cell.length_b   102.401
_cell.length_c   128.751
_cell.angle_alpha   90.00
_cell.angle_beta   90.00
_cell.angle_gamma   90.00
#
_symmetry.space_group_name_H-M   'P 21 21 21'
#
loop_
_entity.id
_entity.type
_entity.pdbx_description
1 polymer 'Lysosomal alpha-glucosidase'
2 branched 2-acetamido-2-deoxy-beta-D-glucopyranose-(1-4)-[alpha-L-fucopyranose-(1-6)]2-acetamido-2-deoxy-beta-D-glucopyranose
3 branched beta-D-mannopyranose-(1-4)-2-acetamido-2-deoxy-beta-D-glucopyranose-(1-4)-2-acetamido-2-deoxy-beta-D-glucopyranose
4 branched 2-acetamido-2-deoxy-beta-D-glucopyranose-(1-4)-2-acetamido-2-deoxy-beta-D-glucopyranose
5 branched alpha-D-mannopyranose-(1-3)-beta-D-mannopyranose-(1-4)-2-acetamido-2-deoxy-beta-D-glucopyranose-(1-4)-2-acetamido-2-deoxy-beta-D-glucopyranose
6 non-polymer 'SULFATE ION'
7 non-polymer 'CHLORIDE ION'
8 non-polymer 'TRIETHYLENE GLYCOL'
9 non-polymer DI(HYDROXYETHYL)ETHER
10 non-polymer 1,2-ETHANEDIOL
11 water water
#
_entity_poly.entity_id   1
_entity_poly.type   'polypeptide(L)'
_entity_poly.pdbx_seq_one_letter_code
;QCDVPPNSRFDCAPDKAITQEQCEARGCCYIPAKQGLQGAQMGQPWCFFPPSYPSYKLENLSSSEMGYTATLTRTTPTFF
PKDILTLRLDVMMETENRLHFTIKDPANRRYEVPLETPRVHSRAPSPLYSVEFSEEPFGVIVHRQLDGRVLLNTTVAPLF
FADQFLQLSTSLPSQYITGLAEHLSPLMLSTSWTRITLWNRDLAPTPGANLYGSHPFYLALEDGGSAHGVFLLNSNAMDV
VLQPSPALSWRSTGGILDVYIFLGPEPKSVVQQYLDVVGYPFMPPYWGLGFHLCRWGYSSTAITRQVVENMTRAHFPLDV
QWNDLDYMDSRRDFTFNKDGFRDFPAMVQELHQGGRRYMMIVDPAISSSGPAGSYRPYDEGLRRGVFITNETGQPLIGKV
WPGSTAFPDFTNPTALAWWEDMVAEFHDQVPFDGMWIDMNEPSNFIRGSEDGCPNNELENPPYVPGVVGGTLQAATICAS
SHQFLSTHYNLHNLYGLTEAIASHRALVKARGTRPFVISRSTFAGHGRYAGHWTGDVWSSWEQLASSVPEILQFNLLGVP
LVGADVCGFLGNTSEELCVRWTQLGAFYPFMRNHNSLLSLPQEPYSFSEPAQQAMRKALTLRYALLPHLYTLFHQAHVAG
ETVARPLFLEFPKDSSTWTVDHQLLWGEALLITPVLQAGKAEVTGYFPLGTWYDLQTVPIEALGSLPPPPAAPREPAIHS
EGQWVTLPAPLDTINVHLRAGYIIPLQGPGLTTTESRQQPMALAVALTKGGEARGELFWDDGESLEVLERGAYTQVIFLA
RNNTIVNELVRVTSEGAGLQLQKVTVLGVATAPQQVLSNGVPVSNFTYSPDTKVLDI(CSO)VSLLMGEQFLVSWC
;
_entity_poly.pdbx_strand_id   A
#
loop_
_chem_comp.id
_chem_comp.type
_chem_comp.name
_chem_comp.formula
BMA D-saccharide, beta linking beta-D-mannopyranose 'C6 H12 O6'
CL non-polymer 'CHLORIDE ION' 'Cl -1'
EDO non-polymer 1,2-ETHANEDIOL 'C2 H6 O2'
FUC L-saccharide, alpha linking alpha-L-fucopyranose 'C6 H12 O5'
MAN D-saccharide, alpha linking alpha-D-mannopyranose 'C6 H12 O6'
NAG D-saccharide, beta linking 2-acetamido-2-deoxy-beta-D-glucopyranose 'C8 H15 N O6'
PEG non-polymer DI(HYDROXYETHYL)ETHER 'C4 H10 O3'
PGE non-polymer 'TRIETHYLENE GLYCOL' 'C6 H14 O4'
SO4 non-polymer 'SULFATE ION' 'O4 S -2'
#
# COMPACT_ATOMS: atom_id res chain seq x y z
N GLN A 1 19.26 -35.15 22.08
CA GLN A 1 19.40 -33.66 21.98
C GLN A 1 19.28 -33.14 20.54
N CYS A 2 19.68 -33.94 19.56
CA CYS A 2 19.60 -33.53 18.15
C CYS A 2 18.43 -34.14 17.38
N ASP A 3 17.50 -34.74 18.11
CA ASP A 3 16.30 -35.33 17.55
C ASP A 3 15.25 -34.24 17.31
N VAL A 4 15.51 -33.34 16.35
CA VAL A 4 14.58 -32.25 16.05
C VAL A 4 13.96 -32.53 14.68
N PRO A 5 12.61 -32.51 14.59
CA PRO A 5 12.02 -32.84 13.30
C PRO A 5 12.46 -31.83 12.21
N PRO A 6 12.58 -32.30 10.95
CA PRO A 6 13.17 -31.46 9.92
C PRO A 6 12.59 -30.04 9.79
N ASN A 7 11.27 -29.92 9.83
CA ASN A 7 10.58 -28.63 9.69
C ASN A 7 10.81 -27.63 10.81
N SER A 8 11.30 -28.10 11.96
CA SER A 8 11.46 -27.30 13.16
C SER A 8 12.92 -27.04 13.43
N ARG A 9 13.77 -27.28 12.44
CA ARG A 9 15.20 -27.01 12.61
C ARG A 9 15.46 -25.55 12.29
N PHE A 10 16.00 -24.83 13.27
CA PHE A 10 16.36 -23.44 13.11
C PHE A 10 17.86 -23.31 12.84
N ASP A 11 18.20 -22.51 11.83
CA ASP A 11 19.56 -22.47 11.26
C ASP A 11 20.58 -21.92 12.23
N CYS A 12 21.59 -22.73 12.56
CA CYS A 12 22.68 -22.30 13.43
C CYS A 12 23.89 -21.79 12.63
N ALA A 13 23.80 -21.78 11.30
CA ALA A 13 24.85 -21.18 10.48
C ALA A 13 24.26 -20.25 9.44
N PRO A 14 23.48 -19.25 9.88
CA PRO A 14 22.94 -18.27 8.93
C PRO A 14 24.03 -17.38 8.30
N ASP A 15 25.20 -17.34 8.92
CA ASP A 15 26.25 -16.37 8.59
C ASP A 15 27.30 -16.83 7.55
N LYS A 16 27.51 -18.13 7.42
CA LYS A 16 28.55 -18.66 6.53
C LYS A 16 28.34 -20.13 6.27
N ALA A 17 29.04 -20.65 5.25
CA ALA A 17 29.05 -22.09 4.99
C ALA A 17 29.77 -22.74 6.16
N ILE A 18 29.24 -23.86 6.66
CA ILE A 18 29.78 -24.49 7.86
C ILE A 18 30.03 -26.00 7.66
N THR A 19 31.14 -26.53 8.18
CA THR A 19 31.38 -27.97 8.19
C THR A 19 30.71 -28.64 9.39
N GLN A 20 30.65 -29.95 9.40
CA GLN A 20 30.12 -30.66 10.56
C GLN A 20 30.90 -30.30 11.83
N GLU A 21 32.23 -30.28 11.74
CA GLU A 21 33.04 -30.06 12.91
C GLU A 21 32.84 -28.65 13.48
N GLN A 22 32.75 -27.65 12.60
CA GLN A 22 32.50 -26.28 13.04
C GLN A 22 31.09 -26.14 13.65
N CYS A 23 30.12 -26.78 13.01
CA CYS A 23 28.76 -26.82 13.53
C CYS A 23 28.74 -27.35 14.96
N GLU A 24 29.30 -28.54 15.15
CA GLU A 24 29.34 -29.15 16.46
C GLU A 24 30.16 -28.28 17.45
N ALA A 25 31.27 -27.69 16.99
CA ALA A 25 32.04 -26.77 17.85
C ALA A 25 31.27 -25.51 18.26
N ARG A 26 30.21 -25.17 17.53
CA ARG A 26 29.32 -24.08 17.92
C ARG A 26 28.31 -24.46 18.99
N GLY A 27 28.27 -25.74 19.36
CA GLY A 27 27.22 -26.28 20.23
C GLY A 27 25.93 -26.59 19.47
N CYS A 28 26.05 -26.82 18.17
CA CYS A 28 24.92 -27.10 17.30
C CYS A 28 24.89 -28.53 16.74
N CYS A 29 23.75 -28.91 16.17
CA CYS A 29 23.51 -30.24 15.63
C CYS A 29 23.69 -30.26 14.12
N TYR A 30 24.34 -31.31 13.61
CA TYR A 30 24.57 -31.49 12.18
C TYR A 30 23.83 -32.72 11.67
N ILE A 31 22.84 -32.51 10.82
CA ILE A 31 22.14 -33.60 10.16
C ILE A 31 21.83 -33.14 8.76
N PRO A 32 22.47 -33.75 7.76
CA PRO A 32 22.17 -33.32 6.39
C PRO A 32 20.69 -33.53 6.05
N ALA A 33 20.13 -32.61 5.27
CA ALA A 33 18.84 -32.83 4.66
C ALA A 33 18.95 -34.00 3.68
N LYS A 34 17.84 -34.67 3.42
CA LYS A 34 17.86 -35.85 2.56
C LYS A 34 17.74 -35.53 1.05
N GLN A 35 17.58 -34.25 0.75
CA GLN A 35 17.47 -33.76 -0.63
C GLN A 35 17.85 -32.27 -0.65
N GLY A 43 17.44 -23.19 2.25
CA GLY A 43 16.57 -24.37 2.49
C GLY A 43 16.64 -24.85 3.93
N GLN A 44 16.23 -26.09 4.17
CA GLN A 44 16.32 -26.69 5.49
C GLN A 44 17.81 -26.70 5.93
N PRO A 45 18.13 -26.09 7.11
CA PRO A 45 19.52 -26.05 7.52
C PRO A 45 20.04 -27.41 7.96
N TRP A 46 21.27 -27.71 7.58
CA TRP A 46 21.95 -28.92 8.02
C TRP A 46 22.48 -28.76 9.44
N CYS A 47 22.86 -27.53 9.77
CA CYS A 47 23.40 -27.17 11.08
C CYS A 47 22.36 -26.36 11.86
N PHE A 48 21.90 -26.90 12.98
CA PHE A 48 20.76 -26.32 13.68
C PHE A 48 20.89 -26.37 15.20
N PHE A 49 20.12 -25.53 15.87
CA PHE A 49 20.17 -25.42 17.33
C PHE A 49 19.51 -26.60 18.03
N PRO A 50 20.22 -27.27 18.96
CA PRO A 50 19.50 -28.18 19.85
C PRO A 50 18.64 -27.38 20.81
N PRO A 51 17.64 -28.01 21.42
CA PRO A 51 16.87 -27.32 22.47
C PRO A 51 17.72 -26.71 23.60
N SER A 52 18.90 -27.26 23.86
CA SER A 52 19.75 -26.73 24.91
C SER A 52 20.65 -25.53 24.48
N TYR A 53 20.55 -25.03 23.25
CA TYR A 53 21.51 -24.02 22.80
C TYR A 53 21.42 -22.77 23.69
N PRO A 54 22.57 -22.20 24.12
CA PRO A 54 22.47 -21.07 25.05
C PRO A 54 21.66 -19.87 24.52
N SER A 55 20.72 -19.41 25.33
CA SER A 55 19.89 -18.26 25.02
C SER A 55 20.08 -17.24 26.13
N TYR A 56 19.08 -16.40 26.31
CA TYR A 56 19.01 -15.53 27.47
C TYR A 56 18.15 -16.18 28.56
N LYS A 57 18.44 -15.85 29.81
CA LYS A 57 17.61 -16.25 30.93
C LYS A 57 16.83 -15.06 31.49
N LEU A 58 15.54 -15.26 31.77
CA LEU A 58 14.70 -14.23 32.36
C LEU A 58 14.98 -14.17 33.85
N GLU A 59 15.19 -12.98 34.39
CA GLU A 59 15.43 -12.78 35.82
C GLU A 59 14.71 -11.53 36.30
N ASN A 60 14.24 -11.56 37.54
CA ASN A 60 13.64 -10.40 38.18
C ASN A 60 12.43 -9.85 37.44
N LEU A 61 11.58 -10.76 36.97
CA LEU A 61 10.31 -10.37 36.42
C LEU A 61 9.49 -9.66 37.49
N SER A 62 8.91 -8.52 37.11
CA SER A 62 8.02 -7.80 38.00
CA SER A 62 8.05 -7.74 37.99
C SER A 62 6.88 -7.15 37.25
N SER A 63 5.84 -6.78 37.99
CA SER A 63 4.61 -6.29 37.40
C SER A 63 4.35 -4.84 37.78
N SER A 64 3.71 -4.13 36.84
CA SER A 64 3.30 -2.74 37.01
CA SER A 64 3.30 -2.75 37.02
C SER A 64 1.87 -2.57 36.49
N GLU A 65 1.26 -1.41 36.76
CA GLU A 65 -0.03 -1.08 36.10
C GLU A 65 0.06 -1.16 34.57
N MET A 66 1.24 -0.82 34.03
CA MET A 66 1.51 -0.83 32.60
C MET A 66 1.65 -2.23 32.01
N GLY A 67 2.22 -3.16 32.79
CA GLY A 67 2.50 -4.51 32.30
C GLY A 67 3.63 -5.14 33.10
N TYR A 68 4.71 -5.54 32.42
CA TYR A 68 5.80 -6.27 33.04
C TYR A 68 7.16 -5.70 32.61
N THR A 69 8.13 -5.90 33.49
CA THR A 69 9.53 -5.68 33.14
CA THR A 69 9.53 -5.68 33.14
C THR A 69 10.39 -6.82 33.68
N ALA A 70 11.53 -7.05 33.02
CA ALA A 70 12.45 -8.13 33.41
C ALA A 70 13.85 -7.82 32.86
N THR A 71 14.83 -8.49 33.45
CA THR A 71 16.20 -8.50 32.93
C THR A 71 16.40 -9.82 32.20
N LEU A 72 17.13 -9.76 31.09
CA LEU A 72 17.48 -10.92 30.32
C LEU A 72 18.99 -11.01 30.30
N THR A 73 19.51 -12.15 30.69
CA THR A 73 20.96 -12.36 30.72
C THR A 73 21.44 -13.52 29.87
N ARG A 74 22.43 -13.26 29.01
CA ARG A 74 23.13 -14.30 28.26
C ARG A 74 24.47 -14.60 28.92
N THR A 75 24.76 -15.89 29.12
CA THR A 75 25.99 -16.32 29.80
C THR A 75 27.06 -16.82 28.85
N THR A 76 26.65 -17.43 27.75
CA THR A 76 27.58 -17.98 26.76
C THR A 76 27.47 -17.18 25.48
N PRO A 77 28.57 -16.62 24.99
CA PRO A 77 28.47 -15.86 23.74
C PRO A 77 27.95 -16.69 22.55
N THR A 78 27.33 -16.00 21.60
CA THR A 78 26.97 -16.60 20.32
C THR A 78 28.21 -16.51 19.42
N PHE A 79 28.07 -16.99 18.19
CA PHE A 79 29.13 -16.88 17.20
C PHE A 79 29.21 -15.51 16.51
N PHE A 80 28.31 -14.58 16.82
CA PHE A 80 28.44 -13.21 16.28
C PHE A 80 29.28 -12.34 17.21
N PRO A 81 29.93 -11.30 16.67
CA PRO A 81 30.62 -10.38 17.57
C PRO A 81 29.66 -9.47 18.31
N LYS A 82 30.11 -9.03 19.47
CA LYS A 82 29.48 -8.00 20.28
C LYS A 82 28.06 -8.34 20.72
N ASP A 83 27.87 -9.55 21.26
CA ASP A 83 26.65 -9.87 22.00
C ASP A 83 26.41 -8.80 23.07
N ILE A 84 25.16 -8.43 23.26
CA ILE A 84 24.77 -7.59 24.37
C ILE A 84 24.25 -8.52 25.46
N LEU A 85 25.08 -8.76 26.47
CA LEU A 85 24.82 -9.88 27.41
C LEU A 85 23.70 -9.60 28.41
N THR A 86 23.46 -8.34 28.71
CA THR A 86 22.37 -7.96 29.61
C THR A 86 21.38 -7.08 28.86
N LEU A 87 20.12 -7.52 28.82
CA LEU A 87 19.05 -6.76 28.18
C LEU A 87 17.91 -6.48 29.16
N ARG A 88 17.08 -5.48 28.83
CA ARG A 88 15.83 -5.19 29.54
CA ARG A 88 15.83 -5.21 29.55
C ARG A 88 14.63 -5.51 28.65
N LEU A 89 13.66 -6.24 29.22
CA LEU A 89 12.36 -6.52 28.60
C LEU A 89 11.30 -5.61 29.23
N ASP A 90 10.56 -4.89 28.40
CA ASP A 90 9.40 -4.14 28.86
C ASP A 90 8.18 -4.61 28.09
N VAL A 91 7.13 -5.01 28.82
CA VAL A 91 5.88 -5.48 28.23
C VAL A 91 4.80 -4.49 28.63
N MET A 92 4.12 -3.94 27.64
CA MET A 92 3.10 -2.94 27.84
C MET A 92 1.79 -3.47 27.26
N MET A 93 0.81 -3.61 28.14
CA MET A 93 -0.49 -4.11 27.78
C MET A 93 -1.33 -2.87 27.47
N GLU A 94 -1.27 -2.44 26.23
CA GLU A 94 -1.69 -1.07 25.90
C GLU A 94 -3.19 -0.90 25.74
N THR A 95 -3.85 -1.83 25.05
CA THR A 95 -5.29 -1.82 24.91
C THR A 95 -5.74 -3.26 24.93
N GLU A 96 -7.06 -3.49 24.88
CA GLU A 96 -7.54 -4.86 24.88
C GLU A 96 -7.10 -5.61 23.62
N ASN A 97 -6.75 -4.88 22.55
CA ASN A 97 -6.38 -5.51 21.29
C ASN A 97 -4.90 -5.42 20.93
N ARG A 98 -4.14 -4.59 21.64
CA ARG A 98 -2.76 -4.33 21.33
C ARG A 98 -1.83 -4.62 22.49
N LEU A 99 -0.91 -5.54 22.26
CA LEU A 99 0.20 -5.80 23.19
C LEU A 99 1.48 -5.31 22.53
N HIS A 100 2.36 -4.73 23.34
CA HIS A 100 3.60 -4.09 22.83
C HIS A 100 4.72 -4.51 23.76
N PHE A 101 5.80 -5.05 23.21
CA PHE A 101 6.98 -5.30 24.03
C PHE A 101 8.27 -4.83 23.37
N THR A 102 9.21 -4.38 24.20
CA THR A 102 10.54 -4.01 23.72
C THR A 102 11.62 -4.80 24.44
N ILE A 103 12.69 -5.07 23.71
CA ILE A 103 13.92 -5.63 24.25
C ILE A 103 15.04 -4.67 23.86
N LYS A 104 15.70 -4.12 24.87
CA LYS A 104 16.70 -3.05 24.70
C LYS A 104 17.94 -3.33 25.53
N ASP A 105 18.98 -2.55 25.24
CA ASP A 105 20.20 -2.53 26.04
C ASP A 105 20.02 -1.44 27.10
N PRO A 106 19.95 -1.82 28.39
CA PRO A 106 19.75 -0.78 29.41
C PRO A 106 20.98 0.13 29.60
N ALA A 107 22.14 -0.28 29.11
CA ALA A 107 23.36 0.46 29.36
C ALA A 107 23.70 1.42 28.23
N ASN A 108 22.98 1.36 27.12
CA ASN A 108 23.25 2.20 25.95
C ASN A 108 22.01 2.44 25.13
N ARG A 109 21.74 3.69 24.82
CA ARG A 109 20.70 4.04 23.88
C ARG A 109 21.12 3.45 22.53
N ARG A 110 20.22 2.72 21.88
CA ARG A 110 20.45 2.16 20.56
C ARG A 110 19.51 2.89 19.60
N TYR A 111 19.82 2.83 18.31
CA TYR A 111 18.96 3.42 17.27
C TYR A 111 17.53 2.88 17.36
N GLU A 112 16.55 3.79 17.31
CA GLU A 112 15.14 3.45 17.29
C GLU A 112 14.44 4.25 16.18
N VAL A 113 13.44 3.65 15.56
CA VAL A 113 12.78 4.27 14.43
C VAL A 113 11.96 5.47 14.93
N PRO A 114 12.13 6.64 14.30
CA PRO A 114 11.25 7.76 14.68
C PRO A 114 9.77 7.46 14.31
N LEU A 115 8.88 7.45 15.30
CA LEU A 115 7.45 7.23 15.07
C LEU A 115 6.67 7.83 16.24
N GLU A 116 5.72 8.71 15.95
CA GLU A 116 4.86 9.29 16.97
C GLU A 116 3.90 8.27 17.56
N THR A 117 3.70 8.34 18.88
CA THR A 117 2.74 7.51 19.60
C THR A 117 1.33 8.09 19.46
N PRO A 125 -14.73 -7.48 30.52
CA PRO A 125 -13.56 -6.64 30.25
C PRO A 125 -12.23 -7.31 30.61
N SER A 126 -11.43 -7.55 29.59
CA SER A 126 -10.16 -8.27 29.73
C SER A 126 -9.56 -8.17 28.35
N PRO A 127 -8.24 -8.16 28.25
CA PRO A 127 -7.67 -8.09 26.92
C PRO A 127 -8.01 -9.35 26.12
N LEU A 128 -7.88 -9.27 24.79
CA LEU A 128 -8.04 -10.43 23.92
C LEU A 128 -6.89 -11.44 24.01
N TYR A 129 -5.75 -10.99 24.55
CA TYR A 129 -4.53 -11.78 24.69
C TYR A 129 -4.26 -12.05 26.18
N SER A 130 -3.44 -13.08 26.41
CA SER A 130 -2.72 -13.24 27.66
C SER A 130 -1.26 -13.37 27.29
N VAL A 131 -0.37 -13.00 28.21
CA VAL A 131 1.05 -13.11 27.98
C VAL A 131 1.69 -13.89 29.14
N GLU A 132 2.50 -14.89 28.81
CA GLU A 132 3.25 -15.67 29.79
CA GLU A 132 3.25 -15.67 29.79
C GLU A 132 4.72 -15.72 29.35
N PHE A 133 5.59 -16.15 30.25
CA PHE A 133 7.04 -16.14 29.96
C PHE A 133 7.69 -17.48 30.28
N SER A 134 8.63 -17.87 29.43
CA SER A 134 9.52 -18.97 29.73
C SER A 134 10.79 -18.38 30.34
N GLU A 135 11.34 -19.06 31.33
CA GLU A 135 12.47 -18.54 32.12
C GLU A 135 13.80 -18.82 31.43
N GLU A 136 14.03 -20.07 31.04
CA GLU A 136 15.30 -20.49 30.47
C GLU A 136 15.08 -21.75 29.60
N PRO A 137 15.19 -21.62 28.25
CA PRO A 137 15.50 -20.42 27.54
C PRO A 137 14.36 -19.44 27.59
N PHE A 138 14.69 -18.16 27.56
CA PHE A 138 13.70 -17.11 27.57
C PHE A 138 12.74 -17.16 26.38
N GLY A 139 11.49 -16.88 26.66
CA GLY A 139 10.53 -16.64 25.61
C GLY A 139 9.31 -15.89 26.06
N VAL A 140 8.65 -15.28 25.09
CA VAL A 140 7.37 -14.62 25.30
C VAL A 140 6.30 -15.49 24.63
N ILE A 141 5.23 -15.80 25.37
CA ILE A 141 4.13 -16.62 24.86
C ILE A 141 2.86 -15.81 24.92
N VAL A 142 2.17 -15.67 23.78
CA VAL A 142 0.93 -14.92 23.69
C VAL A 142 -0.18 -15.86 23.22
N HIS A 143 -1.20 -16.00 24.06
CA HIS A 143 -2.39 -16.77 23.75
C HIS A 143 -3.52 -15.86 23.35
N ARG A 144 -4.40 -16.34 22.46
CA ARG A 144 -5.71 -15.76 22.28
C ARG A 144 -6.58 -16.29 23.40
N GLN A 145 -7.10 -15.39 24.25
CA GLN A 145 -7.89 -15.80 25.45
C GLN A 145 -9.15 -16.61 25.11
N LEU A 146 -9.83 -16.27 24.03
CA LEU A 146 -11.14 -16.84 23.76
C LEU A 146 -11.04 -18.35 23.48
N ASP A 147 -10.02 -18.77 22.74
CA ASP A 147 -9.90 -20.17 22.35
C ASP A 147 -8.60 -20.85 22.77
N GLY A 148 -7.76 -20.14 23.50
CA GLY A 148 -6.44 -20.64 23.86
C GLY A 148 -5.42 -20.91 22.76
N ARG A 149 -5.59 -20.35 21.56
CA ARG A 149 -4.61 -20.60 20.50
C ARG A 149 -3.34 -19.85 20.80
N VAL A 150 -2.20 -20.53 20.62
CA VAL A 150 -0.89 -19.94 20.80
C VAL A 150 -0.55 -19.12 19.55
N LEU A 151 -0.38 -17.81 19.70
CA LEU A 151 -0.18 -16.92 18.57
C LEU A 151 1.30 -16.60 18.40
N LEU A 152 1.94 -16.26 19.52
CA LEU A 152 3.39 -16.05 19.58
C LEU A 152 4.01 -16.96 20.62
N ASN A 153 5.14 -17.57 20.26
CA ASN A 153 5.93 -18.34 21.20
C ASN A 153 7.38 -18.25 20.81
N THR A 154 8.11 -17.39 21.49
CA THR A 154 9.46 -17.04 21.02
C THR A 154 10.46 -18.00 21.65
N THR A 155 9.94 -18.95 22.44
CA THR A 155 10.77 -19.96 23.09
C THR A 155 11.32 -20.96 22.07
N VAL A 156 10.75 -20.98 20.86
CA VAL A 156 11.09 -21.95 19.81
C VAL A 156 12.53 -21.90 19.31
N ALA A 157 13.22 -20.80 19.55
CA ALA A 157 14.62 -20.69 19.15
C ALA A 157 15.34 -19.67 20.05
N PRO A 158 16.67 -19.72 20.07
CA PRO A 158 17.43 -18.76 20.88
C PRO A 158 17.12 -17.31 20.54
N LEU A 159 17.26 -16.44 21.52
CA LEU A 159 17.25 -15.00 21.27
C LEU A 159 18.70 -14.60 21.03
N PHE A 160 18.93 -13.95 19.89
CA PHE A 160 20.22 -13.33 19.57
C PHE A 160 20.04 -11.84 19.66
N PHE A 161 20.96 -11.19 20.34
CA PHE A 161 20.95 -9.75 20.42
C PHE A 161 22.39 -9.29 20.52
N ALA A 162 22.96 -9.04 19.35
CA ALA A 162 24.29 -8.51 19.21
C ALA A 162 24.19 -7.19 18.48
N ASP A 163 25.28 -6.43 18.51
CA ASP A 163 25.22 -5.05 18.07
C ASP A 163 24.67 -4.95 16.64
N GLN A 164 25.10 -5.85 15.75
CA GLN A 164 24.60 -5.83 14.39
C GLN A 164 23.87 -7.13 13.99
N PHE A 165 23.27 -7.82 14.95
CA PHE A 165 22.46 -9.00 14.63
C PHE A 165 21.46 -9.28 15.73
N LEU A 166 20.18 -9.10 15.42
CA LEU A 166 19.09 -9.45 16.30
C LEU A 166 18.29 -10.55 15.64
N GLN A 167 18.00 -11.61 16.40
CA GLN A 167 17.10 -12.63 15.88
C GLN A 167 16.11 -13.01 16.96
N LEU A 168 14.84 -13.01 16.58
CA LEU A 168 13.75 -13.45 17.43
C LEU A 168 12.86 -14.34 16.56
N SER A 169 12.46 -15.49 17.08
CA SER A 169 11.62 -16.41 16.33
C SER A 169 10.30 -16.65 17.03
N THR A 170 9.35 -17.20 16.29
CA THR A 170 8.08 -17.63 16.84
C THR A 170 7.50 -18.75 16.02
N SER A 171 6.71 -19.58 16.67
CA SER A 171 5.77 -20.41 15.97
C SER A 171 4.74 -19.52 15.27
N LEU A 172 4.20 -20.00 14.15
CA LEU A 172 3.03 -19.39 13.53
C LEU A 172 1.80 -20.28 13.74
N PRO A 173 0.59 -19.68 13.77
CA PRO A 173 -0.59 -20.51 14.07
C PRO A 173 -1.13 -21.31 12.88
N SER A 174 -0.68 -20.99 11.68
CA SER A 174 -1.15 -21.70 10.47
C SER A 174 -0.15 -21.53 9.37
N GLN A 175 -0.39 -22.17 8.23
CA GLN A 175 0.47 -21.97 7.05
C GLN A 175 0.13 -20.68 6.26
N TYR A 176 -0.75 -19.83 6.79
CA TYR A 176 -1.30 -18.69 6.05
C TYR A 176 -0.89 -17.39 6.70
N ILE A 177 -0.04 -16.69 5.97
CA ILE A 177 0.61 -15.47 6.44
C ILE A 177 0.82 -14.54 5.23
N THR A 178 0.52 -13.25 5.41
CA THR A 178 0.67 -12.24 4.37
C THR A 178 1.33 -10.99 4.97
N GLY A 179 2.04 -10.26 4.13
CA GLY A 179 2.68 -9.01 4.53
C GLY A 179 4.12 -8.97 4.02
N LEU A 180 4.96 -8.25 4.75
CA LEU A 180 6.40 -8.22 4.51
C LEU A 180 6.77 -7.69 3.10
N ALA A 181 6.08 -6.63 2.70
CA ALA A 181 6.39 -5.91 1.46
C ALA A 181 7.81 -5.32 1.50
N GLU A 182 8.42 -5.02 0.35
CA GLU A 182 7.82 -5.12 -0.99
C GLU A 182 8.52 -6.19 -1.83
N HIS A 183 7.73 -7.17 -2.28
CA HIS A 183 8.20 -8.31 -3.08
C HIS A 183 7.12 -8.73 -4.07
N LEU A 184 7.55 -9.31 -5.19
CA LEU A 184 6.63 -9.83 -6.19
C LEU A 184 6.33 -11.27 -5.79
N SER A 185 5.17 -11.50 -5.20
CA SER A 185 4.81 -12.85 -4.76
C SER A 185 3.29 -12.98 -4.59
N PRO A 186 2.78 -14.21 -4.41
CA PRO A 186 1.36 -14.35 -4.03
C PRO A 186 1.02 -13.54 -2.79
N LEU A 187 -0.25 -13.23 -2.60
CA LEU A 187 -0.63 -12.56 -1.37
C LEU A 187 -0.24 -13.37 -0.13
N MET A 188 -0.52 -14.67 -0.14
CA MET A 188 -0.11 -15.56 0.93
C MET A 188 1.31 -16.03 0.66
N LEU A 189 2.19 -15.87 1.65
CA LEU A 189 3.61 -16.16 1.48
C LEU A 189 3.87 -17.64 1.67
N SER A 190 4.88 -18.15 0.97
CA SER A 190 5.25 -19.56 1.11
C SER A 190 6.06 -19.77 2.38
N THR A 191 5.70 -20.76 3.17
CA THR A 191 6.46 -21.10 4.38
C THR A 191 7.53 -22.16 4.15
N SER A 192 7.76 -22.53 2.88
CA SER A 192 8.74 -23.55 2.54
C SER A 192 10.16 -23.04 2.47
N TRP A 193 10.70 -22.61 3.61
CA TRP A 193 12.09 -22.18 3.73
C TRP A 193 12.31 -20.97 2.85
N THR A 194 11.56 -19.92 3.12
CA THR A 194 11.57 -18.74 2.31
C THR A 194 12.32 -17.66 3.06
N ARG A 195 13.24 -17.00 2.39
CA ARG A 195 13.95 -15.85 2.95
C ARG A 195 13.44 -14.55 2.29
N ILE A 196 12.88 -13.65 3.08
CA ILE A 196 12.30 -12.41 2.58
C ILE A 196 13.16 -11.24 3.09
N THR A 197 13.69 -10.45 2.16
CA THR A 197 14.69 -9.43 2.50
C THR A 197 14.08 -8.05 2.39
N LEU A 198 14.18 -7.26 3.45
CA LEU A 198 13.72 -5.90 3.48
C LEU A 198 14.94 -4.95 3.44
N TRP A 199 15.20 -4.43 2.25
CA TRP A 199 16.28 -3.45 2.01
C TRP A 199 15.92 -2.71 0.75
N ASN A 200 15.48 -1.46 0.91
CA ASN A 200 14.95 -0.70 -0.21
C ASN A 200 15.94 -0.61 -1.36
N ARG A 201 15.47 -1.00 -2.56
CA ARG A 201 16.33 -1.27 -3.69
C ARG A 201 15.63 -0.89 -5.00
N ASP A 202 16.35 -0.17 -5.86
CA ASP A 202 15.88 0.17 -7.20
C ASP A 202 16.12 -1.06 -8.05
N LEU A 203 15.07 -1.85 -8.25
CA LEU A 203 15.13 -2.97 -9.17
C LEU A 203 13.74 -3.20 -9.75
N ALA A 204 13.66 -3.48 -11.05
CA ALA A 204 12.39 -3.78 -11.70
C ALA A 204 11.77 -5.01 -11.01
N PRO A 205 10.49 -4.94 -10.67
CA PRO A 205 9.96 -6.07 -9.91
C PRO A 205 10.13 -7.42 -10.57
N THR A 206 10.62 -8.37 -9.77
CA THR A 206 10.90 -9.74 -10.18
C THR A 206 10.88 -10.56 -8.88
N PRO A 207 10.50 -11.85 -8.95
CA PRO A 207 10.36 -12.63 -7.71
C PRO A 207 11.68 -12.88 -7.00
N GLY A 208 11.62 -13.08 -5.69
CA GLY A 208 12.82 -13.40 -4.90
C GLY A 208 13.73 -12.24 -4.52
N ALA A 209 13.37 -11.02 -4.92
CA ALA A 209 14.25 -9.86 -4.72
C ALA A 209 13.66 -8.85 -3.75
N ASN A 210 14.53 -8.22 -2.97
CA ASN A 210 14.19 -6.99 -2.27
C ASN A 210 13.91 -5.86 -3.25
N LEU A 211 12.71 -5.30 -3.17
CA LEU A 211 12.30 -4.23 -4.06
C LEU A 211 12.32 -2.89 -3.33
N TYR A 212 11.46 -1.96 -3.78
CA TYR A 212 11.66 -0.55 -3.47
C TYR A 212 11.34 -0.15 -2.02
N GLY A 213 10.50 -0.95 -1.36
CA GLY A 213 10.02 -0.64 -0.02
C GLY A 213 10.16 -1.79 0.96
N SER A 214 9.92 -1.48 2.24
CA SER A 214 10.08 -2.43 3.34
C SER A 214 9.01 -2.20 4.41
N HIS A 215 8.20 -3.22 4.68
CA HIS A 215 7.13 -3.12 5.64
C HIS A 215 7.15 -4.37 6.54
N PRO A 216 7.79 -4.27 7.71
CA PRO A 216 8.01 -5.42 8.60
C PRO A 216 6.76 -5.68 9.49
N PHE A 217 5.70 -6.05 8.79
CA PHE A 217 4.39 -6.38 9.35
C PHE A 217 3.91 -7.66 8.70
N TYR A 218 3.35 -8.56 9.50
CA TYR A 218 2.58 -9.65 8.93
C TYR A 218 1.27 -9.81 9.65
N LEU A 219 0.34 -10.39 8.91
CA LEU A 219 -0.96 -10.84 9.35
C LEU A 219 -1.02 -12.34 9.17
N ALA A 220 -1.39 -13.03 10.25
CA ALA A 220 -1.43 -14.48 10.25
C ALA A 220 -2.86 -14.97 10.49
N LEU A 221 -3.34 -15.87 9.65
CA LEU A 221 -4.67 -16.40 9.79
C LEU A 221 -4.68 -17.61 10.70
N GLU A 222 -5.84 -17.88 11.29
CA GLU A 222 -6.02 -18.91 12.31
C GLU A 222 -7.24 -19.74 11.90
N ASP A 223 -7.15 -21.05 12.09
CA ASP A 223 -8.23 -21.96 11.73
C ASP A 223 -9.54 -21.45 12.29
N GLY A 224 -10.54 -21.29 11.43
CA GLY A 224 -11.83 -20.74 11.84
C GLY A 224 -12.07 -19.31 11.42
N GLY A 225 -11.02 -18.59 11.04
CA GLY A 225 -11.17 -17.27 10.45
C GLY A 225 -10.74 -16.06 11.27
N SER A 226 -10.23 -16.28 12.48
CA SER A 226 -9.66 -15.18 13.24
C SER A 226 -8.23 -14.98 12.74
N ALA A 227 -7.63 -13.89 13.19
CA ALA A 227 -6.29 -13.54 12.77
C ALA A 227 -5.64 -12.60 13.75
N HIS A 228 -4.33 -12.49 13.65
CA HIS A 228 -3.60 -11.47 14.39
C HIS A 228 -2.50 -10.92 13.50
N GLY A 229 -1.91 -9.83 13.96
CA GLY A 229 -0.85 -9.14 13.25
C GLY A 229 0.35 -8.91 14.16
N VAL A 230 1.54 -8.85 13.56
CA VAL A 230 2.75 -8.56 14.27
C VAL A 230 3.54 -7.55 13.47
N PHE A 231 3.94 -6.47 14.12
CA PHE A 231 4.76 -5.39 13.54
C PHE A 231 6.05 -5.35 14.33
N LEU A 232 7.19 -5.46 13.63
CA LEU A 232 8.49 -5.22 14.24
C LEU A 232 8.95 -3.83 13.83
N LEU A 233 8.95 -2.88 14.76
CA LEU A 233 9.29 -1.49 14.45
C LEU A 233 10.82 -1.39 14.41
N ASN A 234 11.36 -1.76 13.27
CA ASN A 234 12.80 -1.79 13.03
C ASN A 234 13.03 -1.48 11.55
N SER A 235 13.91 -0.52 11.27
CA SER A 235 14.16 -0.04 9.92
C SER A 235 15.53 -0.52 9.36
N ASN A 236 16.20 -1.45 10.05
CA ASN A 236 17.48 -1.94 9.51
C ASN A 236 17.24 -2.95 8.40
N ALA A 237 18.24 -3.15 7.55
CA ALA A 237 18.29 -4.29 6.64
C ALA A 237 17.94 -5.55 7.43
N MET A 238 16.98 -6.34 6.95
CA MET A 238 16.61 -7.56 7.66
C MET A 238 16.19 -8.67 6.69
N ASP A 239 16.36 -9.92 7.13
CA ASP A 239 15.76 -11.08 6.50
C ASP A 239 14.65 -11.53 7.44
N VAL A 240 13.55 -11.98 6.85
CA VAL A 240 12.55 -12.74 7.58
C VAL A 240 12.51 -14.13 6.94
N VAL A 241 12.75 -15.13 7.77
CA VAL A 241 12.85 -16.51 7.34
C VAL A 241 11.63 -17.30 7.80
N LEU A 242 10.93 -17.91 6.85
CA LEU A 242 9.71 -18.67 7.14
C LEU A 242 10.03 -20.14 6.93
N GLN A 243 9.59 -21.00 7.85
CA GLN A 243 9.78 -22.42 7.67
C GLN A 243 8.49 -23.20 7.96
N PRO A 244 8.40 -24.45 7.46
CA PRO A 244 7.07 -25.07 7.31
C PRO A 244 6.49 -25.73 8.57
N SER A 245 7.12 -25.54 9.72
CA SER A 245 6.64 -26.15 10.97
C SER A 245 5.20 -25.81 11.41
N PRO A 246 4.70 -24.57 11.21
CA PRO A 246 5.28 -23.38 10.65
C PRO A 246 5.84 -22.44 11.71
N ALA A 247 6.79 -21.63 11.30
CA ALA A 247 7.47 -20.71 12.18
C ALA A 247 8.16 -19.59 11.37
N LEU A 248 8.56 -18.52 12.07
CA LEU A 248 9.12 -17.32 11.44
C LEU A 248 10.28 -16.85 12.31
N SER A 249 11.33 -16.35 11.68
CA SER A 249 12.43 -15.70 12.39
C SER A 249 12.63 -14.31 11.78
N TRP A 250 12.62 -13.30 12.63
CA TRP A 250 13.09 -11.96 12.26
C TRP A 250 14.58 -11.90 12.47
N ARG A 251 15.32 -11.42 11.49
CA ARG A 251 16.76 -11.38 11.56
C ARG A 251 17.18 -10.01 11.08
N SER A 252 17.44 -9.10 12.02
CA SER A 252 17.78 -7.73 11.68
C SER A 252 19.24 -7.41 11.96
N THR A 253 19.74 -6.39 11.28
CA THR A 253 21.15 -6.02 11.37
C THR A 253 21.43 -4.82 12.30
N GLY A 254 20.42 -4.34 13.01
CA GLY A 254 20.67 -3.32 14.02
C GLY A 254 19.42 -2.96 14.81
N GLY A 255 19.49 -1.85 15.53
CA GLY A 255 18.34 -1.32 16.22
C GLY A 255 17.99 -2.16 17.44
N ILE A 256 16.72 -2.16 17.80
CA ILE A 256 16.22 -2.95 18.93
C ILE A 256 15.08 -3.83 18.50
N LEU A 257 14.59 -4.67 19.41
CA LEU A 257 13.36 -5.41 19.16
C LEU A 257 12.22 -4.62 19.77
N ASP A 258 11.34 -4.14 18.91
CA ASP A 258 10.21 -3.34 19.32
C ASP A 258 9.00 -3.97 18.63
N VAL A 259 8.20 -4.70 19.41
CA VAL A 259 7.24 -5.62 18.82
C VAL A 259 5.80 -5.30 19.25
N TYR A 260 4.91 -5.19 18.26
CA TYR A 260 3.47 -5.03 18.52
C TYR A 260 2.72 -6.24 18.04
N ILE A 261 1.76 -6.66 18.84
CA ILE A 261 0.85 -7.74 18.47
C ILE A 261 -0.57 -7.22 18.52
N PHE A 262 -1.30 -7.44 17.42
CA PHE A 262 -2.67 -6.92 17.21
C PHE A 262 -3.60 -8.12 17.17
N LEU A 263 -4.59 -8.12 18.06
CA LEU A 263 -5.38 -9.34 18.29
C LEU A 263 -6.61 -9.55 17.41
N GLY A 264 -6.99 -8.54 16.62
CA GLY A 264 -8.16 -8.70 15.75
C GLY A 264 -9.47 -8.73 16.54
N PRO A 265 -10.24 -9.85 16.48
CA PRO A 265 -9.96 -11.14 15.87
C PRO A 265 -10.21 -11.17 14.36
N GLU A 266 -10.97 -10.22 13.83
CA GLU A 266 -11.23 -10.22 12.39
C GLU A 266 -10.03 -9.65 11.65
N PRO A 267 -9.68 -10.22 10.51
CA PRO A 267 -8.59 -9.62 9.73
C PRO A 267 -8.74 -8.12 9.45
N LYS A 268 -9.95 -7.65 9.18
CA LYS A 268 -10.16 -6.21 8.97
C LYS A 268 -9.77 -5.36 10.21
N SER A 269 -10.04 -5.92 11.39
CA SER A 269 -9.71 -5.28 12.66
C SER A 269 -8.21 -5.34 12.93
N VAL A 270 -7.56 -6.44 12.52
CA VAL A 270 -6.10 -6.52 12.64
C VAL A 270 -5.45 -5.36 11.87
N VAL A 271 -5.89 -5.14 10.63
CA VAL A 271 -5.35 -4.05 9.81
C VAL A 271 -5.62 -2.69 10.45
N GLN A 272 -6.84 -2.48 10.92
CA GLN A 272 -7.20 -1.21 11.56
C GLN A 272 -6.35 -0.97 12.80
N GLN A 273 -6.10 -2.04 13.56
CA GLN A 273 -5.29 -1.93 14.79
C GLN A 273 -3.82 -1.60 14.50
N TYR A 274 -3.28 -2.19 13.44
CA TYR A 274 -1.96 -1.86 12.94
C TYR A 274 -1.88 -0.39 12.54
N LEU A 275 -2.87 0.06 11.79
CA LEU A 275 -2.91 1.43 11.32
C LEU A 275 -3.13 2.45 12.44
N ASP A 276 -3.72 2.00 13.54
CA ASP A 276 -3.85 2.81 14.78
CA ASP A 276 -3.85 2.84 14.73
C ASP A 276 -2.46 3.18 15.32
N VAL A 277 -1.46 2.36 15.04
CA VAL A 277 -0.09 2.60 15.50
C VAL A 277 0.69 3.39 14.44
N VAL A 278 0.65 2.97 13.19
CA VAL A 278 1.51 3.60 12.14
C VAL A 278 0.87 4.79 11.43
N GLY A 279 -0.45 4.89 11.48
CA GLY A 279 -1.20 6.02 10.90
C GLY A 279 -2.25 5.54 9.91
N TYR A 280 -3.42 6.16 9.98
CA TYR A 280 -4.50 5.93 9.04
C TYR A 280 -4.14 6.58 7.70
N PRO A 281 -4.59 5.99 6.59
CA PRO A 281 -4.29 6.56 5.28
C PRO A 281 -4.75 8.02 5.13
N PHE A 282 -3.97 8.82 4.40
CA PHE A 282 -4.32 10.20 4.11
C PHE A 282 -5.52 10.26 3.17
N MET A 283 -6.27 11.35 3.21
CA MET A 283 -7.41 11.50 2.30
C MET A 283 -6.95 12.16 1.02
N PRO A 284 -7.07 11.48 -0.13
CA PRO A 284 -6.64 12.13 -1.34
C PRO A 284 -7.65 13.18 -1.79
N PRO A 285 -7.21 14.11 -2.65
CA PRO A 285 -8.21 14.91 -3.33
C PRO A 285 -9.01 14.03 -4.30
N TYR A 286 -10.27 14.40 -4.53
CA TYR A 286 -11.16 13.66 -5.42
C TYR A 286 -10.54 13.49 -6.81
N TRP A 287 -9.94 14.56 -7.34
CA TRP A 287 -9.33 14.54 -8.66
C TRP A 287 -8.24 13.48 -8.78
N GLY A 288 -7.59 13.15 -7.67
CA GLY A 288 -6.57 12.13 -7.64
C GLY A 288 -7.05 10.72 -7.95
N LEU A 289 -8.38 10.52 -7.87
CA LEU A 289 -9.01 9.26 -8.21
C LEU A 289 -9.42 9.16 -9.68
N GLY A 290 -9.27 10.24 -10.43
CA GLY A 290 -9.45 10.20 -11.88
C GLY A 290 -8.32 9.49 -12.60
N PHE A 291 -8.38 9.47 -13.92
CA PHE A 291 -7.38 8.80 -14.73
C PHE A 291 -6.17 9.73 -14.84
N HIS A 292 -4.98 9.15 -14.68
CA HIS A 292 -3.71 9.84 -14.90
C HIS A 292 -3.01 9.25 -16.12
N LEU A 293 -2.33 10.09 -16.90
CA LEU A 293 -1.65 9.59 -18.10
C LEU A 293 -0.28 10.27 -18.21
N CYS A 294 0.73 9.43 -18.44
CA CYS A 294 2.15 9.80 -18.38
C CYS A 294 2.96 8.94 -19.37
N ARG A 295 4.09 9.45 -19.81
CA ARG A 295 5.16 8.59 -20.29
C ARG A 295 6.44 9.38 -20.16
N TRP A 296 7.54 8.66 -20.18
CA TRP A 296 8.85 9.24 -20.46
C TRP A 296 8.89 9.36 -21.98
N GLY A 297 9.05 10.57 -22.48
CA GLY A 297 9.09 10.81 -23.93
C GLY A 297 8.10 11.83 -24.46
N TYR A 298 7.23 12.38 -23.62
CA TYR A 298 6.48 13.58 -24.00
C TYR A 298 7.46 14.75 -23.88
N SER A 299 8.17 15.01 -24.98
CA SER A 299 9.42 15.78 -24.95
C SER A 299 9.27 17.27 -25.26
N SER A 300 8.04 17.74 -25.47
CA SER A 300 7.75 19.15 -25.52
C SER A 300 6.38 19.42 -24.96
N THR A 301 6.10 20.69 -24.69
CA THR A 301 4.75 21.10 -24.33
C THR A 301 3.76 20.83 -25.48
N ALA A 302 4.22 20.96 -26.72
CA ALA A 302 3.34 20.74 -27.87
C ALA A 302 2.90 19.28 -27.95
N ILE A 303 3.84 18.37 -27.75
CA ILE A 303 3.51 16.95 -27.75
C ILE A 303 2.62 16.65 -26.56
N THR A 304 2.97 17.19 -25.40
CA THR A 304 2.19 16.95 -24.18
C THR A 304 0.75 17.43 -24.33
N ARG A 305 0.57 18.63 -24.88
CA ARG A 305 -0.78 19.12 -25.16
C ARG A 305 -1.57 18.21 -26.09
N GLN A 306 -0.90 17.59 -27.06
CA GLN A 306 -1.57 16.65 -27.96
C GLN A 306 -2.18 15.46 -27.25
N VAL A 307 -1.61 15.05 -26.13
CA VAL A 307 -2.15 13.95 -25.36
C VAL A 307 -3.59 14.27 -24.91
N VAL A 308 -3.78 15.41 -24.27
CA VAL A 308 -5.10 15.81 -23.80
C VAL A 308 -6.07 16.03 -24.99
N GLU A 309 -5.57 16.65 -26.05
CA GLU A 309 -6.36 16.86 -27.25
C GLU A 309 -6.83 15.52 -27.81
N ASN A 310 -5.90 14.56 -27.89
CA ASN A 310 -6.23 13.28 -28.50
C ASN A 310 -7.14 12.43 -27.63
N MET A 311 -6.96 12.50 -26.32
CA MET A 311 -7.88 11.85 -25.37
C MET A 311 -9.29 12.44 -25.47
N THR A 312 -9.35 13.78 -25.50
CA THR A 312 -10.63 14.48 -25.50
C THR A 312 -11.40 14.20 -26.78
N ARG A 313 -10.71 14.29 -27.91
CA ARG A 313 -11.30 14.03 -29.23
CA ARG A 313 -11.28 14.03 -29.23
C ARG A 313 -11.97 12.66 -29.27
N ALA A 314 -11.37 11.66 -28.61
CA ALA A 314 -11.91 10.29 -28.60
C ALA A 314 -12.75 9.95 -27.36
N HIS A 315 -13.17 10.98 -26.62
CA HIS A 315 -14.08 10.85 -25.48
C HIS A 315 -13.50 9.97 -24.37
N PHE A 316 -12.20 10.06 -24.13
CA PHE A 316 -11.58 9.36 -22.98
C PHE A 316 -11.41 10.34 -21.83
N PRO A 317 -11.96 10.01 -20.65
CA PRO A 317 -11.71 10.83 -19.48
C PRO A 317 -10.24 10.90 -19.13
N LEU A 318 -9.80 12.05 -18.64
CA LEU A 318 -8.43 12.25 -18.18
C LEU A 318 -8.42 13.44 -17.23
N ASP A 319 -8.14 13.19 -15.95
CA ASP A 319 -8.09 14.27 -14.98
C ASP A 319 -6.74 14.93 -14.87
N VAL A 320 -5.68 14.17 -15.03
CA VAL A 320 -4.33 14.62 -14.70
C VAL A 320 -3.32 14.27 -15.79
N GLN A 321 -2.66 15.30 -16.32
CA GLN A 321 -1.57 15.09 -17.26
C GLN A 321 -0.26 15.07 -16.49
N TRP A 322 0.62 14.12 -16.81
CA TRP A 322 1.92 13.99 -16.18
C TRP A 322 3.07 14.18 -17.16
N ASN A 323 4.20 14.67 -16.66
CA ASN A 323 5.50 14.51 -17.36
C ASN A 323 6.51 13.78 -16.47
N ASP A 324 7.34 12.99 -17.14
CA ASP A 324 8.59 12.43 -16.59
C ASP A 324 9.71 13.47 -16.75
N LEU A 325 10.98 13.03 -16.85
CA LEU A 325 12.17 13.91 -16.84
C LEU A 325 12.21 14.94 -17.97
N ASP A 326 11.41 14.70 -19.02
CA ASP A 326 11.42 15.54 -20.24
C ASP A 326 11.37 17.04 -19.96
N TYR A 327 10.60 17.46 -18.96
CA TYR A 327 10.42 18.89 -18.69
C TYR A 327 11.69 19.59 -18.23
N MET A 328 12.57 18.84 -17.56
CA MET A 328 13.69 19.45 -16.84
C MET A 328 14.74 20.03 -17.76
N ASP A 329 15.52 20.97 -17.22
CA ASP A 329 16.75 21.41 -17.87
C ASP A 329 17.92 20.48 -17.52
N SER A 330 18.34 19.65 -18.47
CA SER A 330 19.42 18.70 -18.28
C SER A 330 19.15 17.76 -17.09
N ARG A 331 17.89 17.31 -16.99
CA ARG A 331 17.48 16.32 -15.99
C ARG A 331 17.66 16.77 -14.54
N ARG A 332 17.50 18.07 -14.28
CA ARG A 332 17.67 18.64 -12.95
C ARG A 332 16.36 19.12 -12.35
N ASP A 333 16.13 18.74 -11.09
CA ASP A 333 14.96 19.16 -10.32
C ASP A 333 14.85 20.66 -10.35
N PHE A 334 13.60 21.14 -10.33
CA PHE A 334 13.29 22.56 -10.09
C PHE A 334 13.81 23.46 -11.18
N THR A 335 13.87 22.90 -12.40
CA THR A 335 14.16 23.64 -13.61
C THR A 335 13.19 23.19 -14.69
N PHE A 336 13.12 23.97 -15.76
CA PHE A 336 12.52 23.46 -16.99
C PHE A 336 13.28 23.96 -18.21
N ASN A 337 13.45 23.12 -19.22
CA ASN A 337 14.27 23.51 -20.37
C ASN A 337 13.52 24.55 -21.20
N LYS A 338 14.28 25.33 -21.95
CA LYS A 338 13.78 26.49 -22.71
C LYS A 338 13.76 26.19 -24.21
N ASP A 339 13.71 24.91 -24.55
CA ASP A 339 13.50 24.46 -25.90
C ASP A 339 12.05 23.92 -25.97
N GLY A 340 11.89 22.62 -25.81
CA GLY A 340 10.59 22.01 -25.85
C GLY A 340 9.64 22.48 -24.75
N PHE A 341 10.17 22.91 -23.60
CA PHE A 341 9.32 23.31 -22.44
C PHE A 341 9.38 24.78 -22.10
N ARG A 342 9.74 25.58 -23.10
CA ARG A 342 9.89 27.03 -22.93
C ARG A 342 8.63 27.67 -22.34
N ASP A 343 7.46 27.16 -22.74
CA ASP A 343 6.17 27.70 -22.27
C ASP A 343 5.47 26.75 -21.30
N PHE A 344 6.26 26.09 -20.44
CA PHE A 344 5.78 25.15 -19.43
C PHE A 344 4.72 25.80 -18.53
N PRO A 345 4.97 27.02 -17.97
CA PRO A 345 3.95 27.63 -17.10
C PRO A 345 2.59 27.76 -17.78
N ALA A 346 2.59 28.21 -19.02
CA ALA A 346 1.34 28.37 -19.78
C ALA A 346 0.63 27.04 -20.03
N MET A 347 1.37 26.00 -20.34
CA MET A 347 0.78 24.68 -20.51
C MET A 347 -0.01 24.27 -19.27
N VAL A 348 0.57 24.46 -18.10
CA VAL A 348 -0.03 24.00 -16.86
C VAL A 348 -1.25 24.85 -16.50
N GLN A 349 -1.13 26.17 -16.68
CA GLN A 349 -2.28 27.10 -16.54
C GLN A 349 -3.45 26.71 -17.44
N GLU A 350 -3.15 26.34 -18.68
CA GLU A 350 -4.17 25.92 -19.63
C GLU A 350 -4.84 24.63 -19.19
N LEU A 351 -4.07 23.68 -18.66
CA LEU A 351 -4.66 22.45 -18.11
C LEU A 351 -5.70 22.77 -17.05
N HIS A 352 -5.32 23.68 -16.17
CA HIS A 352 -6.19 24.11 -15.10
C HIS A 352 -7.44 24.79 -15.63
N GLN A 353 -7.29 25.62 -16.64
CA GLN A 353 -8.44 26.30 -17.26
C GLN A 353 -9.46 25.31 -17.81
N GLY A 354 -8.97 24.19 -18.33
CA GLY A 354 -9.85 23.13 -18.83
C GLY A 354 -10.36 22.16 -17.76
N GLY A 355 -10.06 22.41 -16.48
CA GLY A 355 -10.58 21.58 -15.39
C GLY A 355 -9.72 20.36 -15.05
N ARG A 356 -8.45 20.39 -15.46
CA ARG A 356 -7.54 19.27 -15.23
C ARG A 356 -6.42 19.67 -14.25
N ARG A 357 -5.65 18.67 -13.82
CA ARG A 357 -4.52 18.86 -12.93
C ARG A 357 -3.24 18.41 -13.60
N TYR A 358 -2.12 18.73 -12.97
CA TYR A 358 -0.81 18.42 -13.54
C TYR A 358 0.14 17.84 -12.48
N MET A 359 0.86 16.78 -12.84
CA MET A 359 1.83 16.12 -11.97
C MET A 359 3.14 15.98 -12.75
N MET A 360 4.26 16.15 -12.05
CA MET A 360 5.56 15.85 -12.67
C MET A 360 6.52 15.16 -11.71
N ILE A 361 7.49 14.47 -12.31
CA ILE A 361 8.48 13.72 -11.57
C ILE A 361 9.41 14.66 -10.84
N VAL A 362 9.74 14.29 -9.61
CA VAL A 362 10.80 14.93 -8.83
C VAL A 362 11.76 13.85 -8.31
N ASP A 363 13.07 14.05 -8.47
CA ASP A 363 14.08 13.11 -7.96
C ASP A 363 14.65 13.66 -6.63
N PRO A 364 15.16 12.80 -5.74
CA PRO A 364 15.76 13.36 -4.53
C PRO A 364 17.12 13.98 -4.74
N ALA A 365 17.93 13.39 -5.62
CA ALA A 365 19.34 13.77 -5.71
C ALA A 365 19.50 15.06 -6.54
N ILE A 366 20.40 15.92 -6.09
CA ILE A 366 20.55 17.27 -6.61
C ILE A 366 21.90 17.41 -7.31
N SER A 367 21.88 17.89 -8.55
CA SER A 367 23.08 18.03 -9.35
C SER A 367 24.11 18.88 -8.64
N SER A 368 25.31 18.32 -8.50
CA SER A 368 26.38 18.95 -7.75
C SER A 368 27.50 19.52 -8.63
N SER A 369 27.37 19.41 -9.94
CA SER A 369 28.49 19.64 -10.86
C SER A 369 28.46 21.00 -11.54
N GLY A 370 27.40 21.77 -11.36
CA GLY A 370 27.21 22.99 -12.15
C GLY A 370 28.18 24.03 -11.61
N PRO A 371 28.47 25.08 -12.40
CA PRO A 371 29.29 26.11 -11.81
C PRO A 371 28.68 26.67 -10.53
N ALA A 372 29.52 27.05 -9.58
CA ALA A 372 29.05 27.58 -8.29
C ALA A 372 28.24 28.82 -8.57
N GLY A 373 27.11 28.96 -7.90
CA GLY A 373 26.23 30.11 -8.08
C GLY A 373 25.26 30.02 -9.25
N SER A 374 25.29 28.92 -10.02
CA SER A 374 24.43 28.77 -11.19
C SER A 374 23.23 27.85 -10.99
N TYR A 375 23.12 27.18 -9.85
CA TYR A 375 22.02 26.23 -9.65
C TYR A 375 21.57 26.23 -8.18
N ARG A 376 20.55 27.03 -7.91
CA ARG A 376 20.17 27.41 -6.56
C ARG A 376 19.86 26.24 -5.64
N PRO A 377 19.11 25.20 -6.12
CA PRO A 377 18.85 24.06 -5.24
C PRO A 377 20.11 23.44 -4.65
N TYR A 378 21.15 23.28 -5.47
CA TYR A 378 22.44 22.83 -4.96
C TYR A 378 23.17 23.89 -4.11
N ASP A 379 23.28 25.10 -4.63
CA ASP A 379 24.04 26.16 -3.95
C ASP A 379 23.44 26.46 -2.57
N GLU A 380 22.11 26.53 -2.50
CA GLU A 380 21.44 26.74 -1.21
C GLU A 380 21.57 25.53 -0.30
N GLY A 381 21.44 24.33 -0.87
CA GLY A 381 21.57 23.10 -0.09
C GLY A 381 22.94 22.98 0.55
N LEU A 382 23.95 23.38 -0.21
CA LEU A 382 25.31 23.41 0.26
C LEU A 382 25.47 24.38 1.44
N ARG A 383 24.96 25.59 1.27
CA ARG A 383 25.08 26.63 2.27
C ARG A 383 24.43 26.22 3.59
N ARG A 384 23.27 25.58 3.49
CA ARG A 384 22.48 25.24 4.65
C ARG A 384 22.81 23.87 5.23
N GLY A 385 23.65 23.08 4.54
CA GLY A 385 24.10 21.78 5.06
C GLY A 385 23.00 20.71 5.01
N VAL A 386 22.27 20.64 3.89
CA VAL A 386 21.11 19.75 3.79
C VAL A 386 21.45 18.33 3.34
N PHE A 387 22.69 18.10 2.91
CA PHE A 387 23.03 16.85 2.25
C PHE A 387 23.60 15.81 3.22
N ILE A 388 23.43 14.55 2.84
CA ILE A 388 24.10 13.45 3.50
C ILE A 388 25.60 13.60 3.27
N THR A 389 26.38 13.42 4.33
CA THR A 389 27.82 13.67 4.25
C THR A 389 28.60 12.40 4.54
N ASN A 390 29.87 12.45 4.15
CA ASN A 390 30.76 11.32 4.27
C ASN A 390 31.74 11.51 5.44
N GLU A 391 32.76 10.66 5.48
CA GLU A 391 33.69 10.54 6.61
C GLU A 391 34.39 11.87 6.93
N THR A 392 34.67 12.66 5.91
CA THR A 392 35.40 13.90 6.13
C THR A 392 34.46 15.09 6.29
N GLY A 393 33.15 14.84 6.21
CA GLY A 393 32.15 15.85 6.43
C GLY A 393 31.68 16.58 5.17
N GLN A 394 32.12 16.14 4.00
CA GLN A 394 31.62 16.74 2.75
C GLN A 394 30.44 15.94 2.21
N PRO A 395 29.65 16.54 1.31
CA PRO A 395 28.54 15.82 0.70
C PRO A 395 28.99 14.54 -0.03
N LEU A 396 28.24 13.48 0.22
CA LEU A 396 28.45 12.23 -0.50
C LEU A 396 27.95 12.51 -1.90
N ILE A 397 28.80 12.26 -2.88
CA ILE A 397 28.43 12.46 -4.28
C ILE A 397 28.27 11.12 -4.97
N GLY A 398 27.09 10.88 -5.52
CA GLY A 398 26.81 9.68 -6.30
C GLY A 398 26.48 10.09 -7.74
N LYS A 399 25.84 9.20 -8.47
CA LYS A 399 25.47 9.43 -9.86
C LYS A 399 24.00 9.06 -10.06
N VAL A 400 23.19 10.01 -10.52
CA VAL A 400 21.83 9.69 -10.98
C VAL A 400 21.59 10.38 -12.33
N TRP A 401 20.35 10.70 -12.67
CA TRP A 401 20.05 11.12 -14.04
C TRP A 401 20.82 12.37 -14.53
N PRO A 402 21.01 13.39 -13.66
CA PRO A 402 21.70 14.58 -14.19
C PRO A 402 23.21 14.41 -14.25
N GLY A 403 23.72 13.34 -13.64
CA GLY A 403 25.13 13.11 -13.50
C GLY A 403 25.48 13.10 -12.01
N SER A 404 26.57 13.76 -11.62
CA SER A 404 27.02 13.82 -10.22
C SER A 404 25.97 14.49 -9.36
N THR A 405 25.64 13.90 -8.22
CA THR A 405 24.58 14.39 -7.37
C THR A 405 24.89 14.21 -5.90
N ALA A 406 24.40 15.16 -5.11
CA ALA A 406 24.37 15.04 -3.66
C ALA A 406 22.96 14.62 -3.24
N PHE A 407 22.84 14.06 -2.04
CA PHE A 407 21.59 13.42 -1.60
C PHE A 407 21.03 14.13 -0.37
N PRO A 408 19.85 14.72 -0.50
CA PRO A 408 19.34 15.39 0.68
C PRO A 408 19.09 14.45 1.82
N ASP A 409 19.26 14.98 3.01
CA ASP A 409 19.01 14.29 4.28
C ASP A 409 17.68 14.71 4.87
N PHE A 410 16.64 13.94 4.61
CA PHE A 410 15.28 14.34 5.03
C PHE A 410 15.00 14.03 6.50
N THR A 411 16.04 13.68 7.29
CA THR A 411 15.94 13.66 8.76
C THR A 411 16.47 14.95 9.36
N ASN A 412 17.08 15.81 8.54
CA ASN A 412 17.58 17.09 8.99
C ASN A 412 16.50 18.17 8.90
N PRO A 413 16.11 18.78 10.03
CA PRO A 413 15.06 19.81 9.92
C PRO A 413 15.38 20.93 8.95
N THR A 414 16.66 21.26 8.79
CA THR A 414 17.04 22.30 7.84
C THR A 414 16.77 21.85 6.39
N ALA A 415 17.03 20.59 6.08
CA ALA A 415 16.71 20.04 4.79
C ALA A 415 15.21 20.08 4.52
N LEU A 416 14.41 19.86 5.56
CA LEU A 416 12.97 19.95 5.41
C LEU A 416 12.55 21.36 4.99
N ALA A 417 13.12 22.36 5.64
CA ALA A 417 12.85 23.75 5.29
C ALA A 417 13.33 24.10 3.88
N TRP A 418 14.53 23.65 3.54
CA TRP A 418 15.09 23.87 2.20
C TRP A 418 14.17 23.23 1.13
N TRP A 419 13.64 22.04 1.41
CA TRP A 419 12.80 21.34 0.44
C TRP A 419 11.48 22.07 0.25
N GLU A 420 10.88 22.51 1.35
CA GLU A 420 9.71 23.38 1.29
C GLU A 420 9.94 24.61 0.43
N ASP A 421 11.08 25.27 0.62
CA ASP A 421 11.38 26.45 -0.15
C ASP A 421 11.55 26.13 -1.62
N MET A 422 12.25 25.04 -1.95
CA MET A 422 12.53 24.71 -3.36
C MET A 422 11.23 24.36 -4.08
N VAL A 423 10.38 23.59 -3.40
CA VAL A 423 9.07 23.29 -3.90
C VAL A 423 8.19 24.53 -4.08
N ALA A 424 8.14 25.43 -3.09
CA ALA A 424 7.35 26.66 -3.18
C ALA A 424 7.84 27.57 -4.29
N GLU A 425 9.16 27.68 -4.43
CA GLU A 425 9.75 28.53 -5.49
C GLU A 425 9.45 28.00 -6.91
N PHE A 426 9.51 26.69 -7.07
CA PHE A 426 9.22 26.10 -8.37
C PHE A 426 7.72 26.21 -8.67
N HIS A 427 6.91 26.00 -7.64
CA HIS A 427 5.46 26.13 -7.77
C HIS A 427 5.03 27.56 -8.15
N ASP A 428 5.78 28.58 -7.70
CA ASP A 428 5.55 29.98 -8.13
C ASP A 428 5.77 30.16 -9.63
N GLN A 429 6.66 29.37 -10.22
CA GLN A 429 6.92 29.41 -11.64
C GLN A 429 5.92 28.57 -12.42
N VAL A 430 5.66 27.36 -11.93
CA VAL A 430 4.82 26.37 -12.61
C VAL A 430 3.87 25.74 -11.57
N PRO A 431 2.54 25.92 -11.72
CA PRO A 431 1.67 25.56 -10.59
C PRO A 431 1.21 24.11 -10.62
N PHE A 432 2.17 23.19 -10.43
CA PHE A 432 1.90 21.77 -10.38
C PHE A 432 1.02 21.41 -9.18
N ASP A 433 0.32 20.30 -9.30
CA ASP A 433 -0.72 19.95 -8.30
C ASP A 433 -0.34 18.82 -7.36
N GLY A 434 0.83 18.27 -7.56
CA GLY A 434 1.40 17.28 -6.61
C GLY A 434 2.80 16.89 -7.05
N MET A 435 3.33 15.83 -6.45
CA MET A 435 4.69 15.43 -6.70
C MET A 435 4.76 13.93 -6.82
N TRP A 436 5.35 13.50 -7.93
CA TRP A 436 5.68 12.14 -8.19
C TRP A 436 7.16 11.96 -7.77
N ILE A 437 7.38 11.31 -6.63
CA ILE A 437 8.73 11.20 -6.08
C ILE A 437 9.32 9.83 -6.35
N ASP A 438 10.33 9.83 -7.21
CA ASP A 438 10.96 8.64 -7.74
C ASP A 438 12.37 8.51 -7.18
N MET A 439 13.03 7.36 -7.45
CA MET A 439 14.46 7.15 -7.23
C MET A 439 14.87 7.33 -5.75
N ASN A 440 13.93 7.11 -4.85
CA ASN A 440 14.09 7.51 -3.47
C ASN A 440 14.34 6.35 -2.51
N GLU A 441 15.05 5.35 -3.01
CA GLU A 441 15.53 4.25 -2.19
C GLU A 441 16.64 4.56 -1.14
N PRO A 442 17.63 5.44 -1.46
CA PRO A 442 17.89 6.23 -2.67
C PRO A 442 18.66 5.46 -3.74
N SER A 443 18.27 5.65 -5.00
CA SER A 443 18.87 4.92 -6.10
C SER A 443 20.17 5.64 -6.48
N ASN A 444 21.24 4.87 -6.65
CA ASN A 444 22.54 5.37 -7.06
C ASN A 444 23.02 4.53 -8.24
N PHE A 445 23.47 5.19 -9.30
CA PHE A 445 23.92 4.47 -10.51
C PHE A 445 25.32 3.90 -10.40
N ILE A 446 26.03 4.25 -9.34
CA ILE A 446 27.35 3.70 -9.07
C ILE A 446 27.27 3.16 -7.63
N ARG A 447 28.30 2.44 -7.23
CA ARG A 447 28.31 1.77 -5.93
C ARG A 447 28.77 2.70 -4.81
N GLY A 448 27.85 3.08 -3.94
CA GLY A 448 28.20 3.84 -2.73
C GLY A 448 28.38 5.32 -2.98
N SER A 449 29.49 5.68 -3.62
CA SER A 449 29.77 7.06 -4.03
C SER A 449 30.86 7.05 -5.08
N GLU A 450 31.05 8.21 -5.71
CA GLU A 450 32.19 8.45 -6.61
C GLU A 450 33.51 8.06 -5.99
N ASP A 451 33.59 8.15 -4.66
CA ASP A 451 34.84 7.95 -3.94
C ASP A 451 34.79 6.63 -3.18
N GLY A 452 33.88 5.76 -3.59
CA GLY A 452 33.72 4.46 -2.95
C GLY A 452 33.23 4.63 -1.51
N CYS A 453 33.46 3.62 -0.69
CA CYS A 453 33.06 3.67 0.71
C CYS A 453 34.21 3.19 1.59
N PRO A 454 34.25 3.66 2.83
CA PRO A 454 35.33 3.21 3.68
C PRO A 454 35.17 1.75 4.08
N ASN A 455 36.21 1.22 4.68
CA ASN A 455 36.16 -0.09 5.27
C ASN A 455 35.83 0.01 6.76
N ASN A 456 34.58 -0.28 7.11
CA ASN A 456 34.19 -0.36 8.51
C ASN A 456 33.07 -1.37 8.66
N GLU A 457 32.60 -1.55 9.90
CA GLU A 457 31.59 -2.57 10.24
C GLU A 457 30.22 -2.30 9.68
N LEU A 458 29.89 -1.03 9.44
CA LEU A 458 28.62 -0.68 8.82
C LEU A 458 28.60 -1.03 7.33
N GLU A 459 29.69 -0.78 6.63
CA GLU A 459 29.81 -1.13 5.21
C GLU A 459 29.98 -2.65 5.01
N ASN A 460 30.72 -3.31 5.91
CA ASN A 460 30.98 -4.76 5.85
C ASN A 460 30.48 -5.43 7.13
N PRO A 461 29.17 -5.58 7.28
CA PRO A 461 28.62 -6.07 8.56
C PRO A 461 28.77 -7.57 8.71
N PRO A 462 28.65 -8.08 9.94
CA PRO A 462 28.88 -9.51 10.18
C PRO A 462 27.79 -10.39 9.54
N TYR A 463 26.58 -9.86 9.37
CA TYR A 463 25.53 -10.59 8.64
C TYR A 463 24.97 -9.71 7.55
N VAL A 464 25.11 -10.12 6.29
CA VAL A 464 24.48 -9.37 5.20
C VAL A 464 23.20 -10.09 4.77
N PRO A 465 22.03 -9.43 4.90
CA PRO A 465 20.77 -10.07 4.45
C PRO A 465 20.81 -10.39 2.94
N GLY A 466 19.81 -11.12 2.43
CA GLY A 466 19.88 -11.68 1.07
C GLY A 466 19.54 -10.65 0.00
N VAL A 467 20.22 -9.51 0.03
CA VAL A 467 19.92 -8.39 -0.84
C VAL A 467 20.49 -8.69 -2.24
N VAL A 468 19.81 -8.20 -3.27
CA VAL A 468 20.37 -8.29 -4.61
C VAL A 468 21.73 -7.59 -4.60
N GLY A 469 22.73 -8.26 -5.16
CA GLY A 469 24.09 -7.74 -5.24
C GLY A 469 24.96 -8.10 -4.06
N GLY A 470 24.38 -8.65 -2.99
CA GLY A 470 25.20 -9.20 -1.89
C GLY A 470 25.91 -8.16 -1.01
N THR A 471 25.53 -6.90 -1.14
CA THR A 471 26.08 -5.84 -0.32
C THR A 471 25.01 -4.76 -0.09
N LEU A 472 25.03 -4.13 1.07
CA LEU A 472 24.15 -3.02 1.36
C LEU A 472 24.39 -1.78 0.46
N GLN A 473 25.59 -1.66 -0.09
CA GLN A 473 25.97 -0.52 -0.93
CA GLN A 473 25.98 -0.54 -0.94
C GLN A 473 25.41 -0.60 -2.35
N ALA A 474 25.02 -1.80 -2.79
CA ALA A 474 24.64 -1.99 -4.20
C ALA A 474 23.46 -1.14 -4.62
N ALA A 475 23.64 -0.38 -5.70
CA ALA A 475 22.61 0.47 -6.28
C ALA A 475 22.15 1.58 -5.34
N THR A 476 22.97 1.87 -4.32
CA THR A 476 22.62 2.90 -3.33
C THR A 476 23.88 3.63 -2.80
N ILE A 477 23.73 4.35 -1.68
CA ILE A 477 24.83 5.14 -1.12
C ILE A 477 25.51 4.38 0.03
N CYS A 478 26.67 4.88 0.47
CA CYS A 478 27.43 4.26 1.55
C CYS A 478 26.59 4.12 2.82
N ALA A 479 26.64 2.93 3.43
CA ALA A 479 25.93 2.65 4.68
C ALA A 479 26.43 3.50 5.85
N SER A 480 27.71 3.85 5.87
CA SER A 480 28.25 4.59 7.00
C SER A 480 28.16 6.10 6.81
N SER A 481 27.50 6.55 5.74
CA SER A 481 27.29 7.98 5.54
C SER A 481 26.42 8.56 6.64
N HIS A 482 26.55 9.87 6.83
CA HIS A 482 26.00 10.56 7.98
C HIS A 482 24.68 11.27 7.65
N GLN A 483 23.67 11.04 8.48
CA GLN A 483 22.45 11.81 8.47
C GLN A 483 22.26 12.46 9.84
N PHE A 484 21.32 13.40 9.92
CA PHE A 484 21.09 14.13 11.16
C PHE A 484 20.70 13.22 12.33
N LEU A 485 19.83 12.24 12.09
CA LEU A 485 19.36 11.38 13.17
C LEU A 485 20.30 10.22 13.45
N SER A 486 20.99 9.74 12.42
CA SER A 486 21.79 8.55 12.56
C SER A 486 22.59 8.32 11.26
N THR A 487 23.26 7.19 11.19
CA THR A 487 23.92 6.75 9.96
C THR A 487 22.89 6.21 8.96
N HIS A 488 23.27 6.21 7.69
CA HIS A 488 22.42 5.66 6.67
C HIS A 488 22.11 4.19 6.86
N TYR A 489 23.04 3.45 7.46
CA TYR A 489 22.82 2.06 7.83
C TYR A 489 21.50 1.85 8.54
N ASN A 490 21.20 2.68 9.54
CA ASN A 490 19.96 2.57 10.29
C ASN A 490 18.74 3.19 9.57
N LEU A 491 18.99 4.21 8.74
CA LEU A 491 17.94 5.07 8.18
C LEU A 491 17.54 4.78 6.72
N HIS A 492 18.31 3.95 6.04
CA HIS A 492 18.10 3.68 4.62
C HIS A 492 16.67 3.34 4.27
N ASN A 493 16.08 2.37 5.00
CA ASN A 493 14.73 1.96 4.65
C ASN A 493 13.68 3.06 4.86
N LEU A 494 14.05 4.15 5.53
CA LEU A 494 13.16 5.29 5.74
C LEU A 494 13.37 6.41 4.75
N TYR A 495 14.32 6.30 3.84
CA TYR A 495 14.65 7.43 2.95
C TYR A 495 13.43 7.92 2.19
N GLY A 496 12.75 7.02 1.48
CA GLY A 496 11.58 7.38 0.71
C GLY A 496 10.48 7.95 1.58
N LEU A 497 10.19 7.27 2.69
CA LEU A 497 9.21 7.72 3.64
C LEU A 497 9.50 9.16 4.13
N THR A 498 10.73 9.41 4.54
CA THR A 498 11.08 10.76 5.02
C THR A 498 10.96 11.80 3.91
N GLU A 499 11.31 11.45 2.68
CA GLU A 499 11.05 12.38 1.57
C GLU A 499 9.53 12.58 1.35
N ALA A 500 8.75 11.53 1.56
CA ALA A 500 7.28 11.64 1.39
C ALA A 500 6.69 12.57 2.44
N ILE A 501 7.16 12.44 3.69
CA ILE A 501 6.73 13.36 4.75
C ILE A 501 7.10 14.81 4.38
N ALA A 502 8.34 15.00 3.93
CA ALA A 502 8.83 16.34 3.61
C ALA A 502 8.00 16.97 2.45
N SER A 503 7.64 16.13 1.49
CA SER A 503 6.98 16.58 0.29
C SER A 503 5.52 16.88 0.59
N HIS A 504 4.91 16.05 1.42
CA HIS A 504 3.54 16.29 1.90
C HIS A 504 3.45 17.69 2.55
N ARG A 505 4.35 17.98 3.47
CA ARG A 505 4.36 19.27 4.14
C ARG A 505 4.66 20.43 3.16
N ALA A 506 5.58 20.20 2.25
CA ALA A 506 5.94 21.22 1.25
C ALA A 506 4.75 21.62 0.40
N LEU A 507 3.92 20.64 0.06
CA LEU A 507 2.78 20.84 -0.82
C LEU A 507 1.60 21.47 -0.10
N VAL A 508 1.41 21.10 1.16
CA VAL A 508 0.47 21.80 2.02
C VAL A 508 0.81 23.30 2.07
N LYS A 509 2.08 23.61 2.31
CA LYS A 509 2.47 25.01 2.46
C LYS A 509 2.38 25.76 1.14
N ALA A 510 2.76 25.11 0.06
CA ALA A 510 2.77 25.80 -1.23
C ALA A 510 1.38 26.02 -1.82
N ARG A 511 0.43 25.10 -1.60
CA ARG A 511 -0.85 25.14 -2.30
C ARG A 511 -2.04 25.40 -1.40
N GLY A 512 -1.95 25.06 -0.11
CA GLY A 512 -3.02 25.30 0.86
C GLY A 512 -4.22 24.36 0.75
N THR A 513 -4.12 23.33 -0.08
CA THR A 513 -5.14 22.29 -0.21
C THR A 513 -4.47 20.93 -0.03
N ARG A 514 -5.25 19.86 -0.03
CA ARG A 514 -4.70 18.52 0.22
C ARG A 514 -3.55 18.11 -0.69
N PRO A 515 -2.48 17.53 -0.13
CA PRO A 515 -1.42 17.12 -1.03
C PRO A 515 -1.65 15.81 -1.77
N PHE A 516 -1.02 15.68 -2.92
CA PHE A 516 -1.04 14.44 -3.67
C PHE A 516 0.37 14.01 -3.99
N VAL A 517 0.89 13.06 -3.20
CA VAL A 517 2.24 12.53 -3.35
C VAL A 517 2.21 11.07 -3.73
N ILE A 518 2.90 10.72 -4.81
CA ILE A 518 3.02 9.32 -5.25
C ILE A 518 4.49 8.93 -5.23
N SER A 519 4.82 7.91 -4.43
CA SER A 519 6.23 7.59 -4.14
C SER A 519 6.59 6.20 -4.55
N ARG A 520 7.83 6.03 -5.03
CA ARG A 520 8.32 4.69 -5.34
C ARG A 520 8.70 3.92 -4.07
N SER A 521 9.66 4.46 -3.32
CA SER A 521 10.13 3.81 -2.11
C SER A 521 9.22 4.13 -0.93
N THR A 522 8.99 3.13 -0.07
CA THR A 522 8.09 3.27 1.06
C THR A 522 8.62 2.52 2.28
N PHE A 523 8.04 2.84 3.43
CA PHE A 523 8.22 2.07 4.68
C PHE A 523 6.89 2.06 5.41
N ALA A 524 6.78 1.22 6.43
CA ALA A 524 5.55 1.15 7.24
C ALA A 524 5.13 2.52 7.68
N GLY A 525 3.84 2.83 7.50
CA GLY A 525 3.30 4.13 7.87
C GLY A 525 3.23 5.12 6.73
N HIS A 526 3.73 4.73 5.57
CA HIS A 526 3.82 5.57 4.39
C HIS A 526 2.46 6.13 4.01
N GLY A 527 1.41 5.32 4.15
CA GLY A 527 0.09 5.72 3.65
C GLY A 527 -0.51 6.90 4.38
N ARG A 528 -0.01 7.17 5.58
CA ARG A 528 -0.40 8.39 6.29
C ARG A 528 -0.08 9.67 5.51
N TYR A 529 0.86 9.59 4.56
CA TYR A 529 1.37 10.76 3.87
C TYR A 529 1.21 10.70 2.36
N ALA A 530 1.09 9.50 1.79
CA ALA A 530 1.30 9.38 0.35
C ALA A 530 0.78 8.07 -0.22
N GLY A 531 0.76 8.04 -1.53
CA GLY A 531 0.47 6.82 -2.26
C GLY A 531 1.70 6.16 -2.82
N HIS A 532 1.49 5.11 -3.62
CA HIS A 532 2.58 4.31 -4.17
C HIS A 532 2.19 3.74 -5.53
N TRP A 533 3.17 3.62 -6.42
CA TRP A 533 2.97 2.74 -7.59
C TRP A 533 4.07 1.67 -7.60
N THR A 534 3.79 0.54 -8.24
CA THR A 534 4.60 -0.68 -8.08
C THR A 534 5.89 -0.70 -8.89
N GLY A 535 6.17 0.38 -9.60
CA GLY A 535 7.46 0.60 -10.24
C GLY A 535 7.53 0.07 -11.65
N ASP A 536 8.71 -0.40 -12.05
CA ASP A 536 9.01 -0.65 -13.46
C ASP A 536 8.62 -2.05 -13.88
N VAL A 537 7.33 -2.29 -13.89
CA VAL A 537 6.81 -3.56 -14.28
C VAL A 537 6.83 -3.73 -15.80
N TRP A 538 7.11 -4.94 -16.24
CA TRP A 538 7.02 -5.29 -17.66
C TRP A 538 5.60 -5.32 -18.22
N SER A 539 5.47 -4.98 -19.50
CA SER A 539 4.20 -5.14 -20.22
C SER A 539 4.01 -6.61 -20.57
N SER A 540 3.66 -7.41 -19.56
CA SER A 540 3.45 -8.85 -19.74
C SER A 540 2.21 -9.29 -19.01
N TRP A 541 1.65 -10.41 -19.44
CA TRP A 541 0.48 -11.01 -18.82
C TRP A 541 0.79 -11.41 -17.38
N GLU A 542 2.01 -11.87 -17.17
CA GLU A 542 2.53 -12.24 -15.85
C GLU A 542 2.49 -11.08 -14.87
N GLN A 543 2.94 -9.89 -15.31
CA GLN A 543 2.94 -8.74 -14.41
C GLN A 543 1.55 -8.17 -14.21
N LEU A 544 0.71 -8.22 -15.25
CA LEU A 544 -0.71 -7.91 -15.05
C LEU A 544 -1.28 -8.74 -13.90
N ALA A 545 -1.10 -10.05 -13.99
CA ALA A 545 -1.63 -10.94 -12.96
C ALA A 545 -1.03 -10.67 -11.58
N SER A 546 0.28 -10.45 -11.52
CA SER A 546 1.00 -10.19 -10.27
C SER A 546 0.62 -8.85 -9.62
N SER A 547 0.03 -7.94 -10.38
CA SER A 547 -0.38 -6.64 -9.86
C SER A 547 -1.56 -6.79 -8.89
N VAL A 548 -2.37 -7.83 -9.06
CA VAL A 548 -3.53 -7.96 -8.18
C VAL A 548 -3.10 -8.22 -6.71
N PRO A 549 -2.28 -9.26 -6.47
CA PRO A 549 -1.83 -9.48 -5.09
C PRO A 549 -1.03 -8.28 -4.54
N GLU A 550 -0.28 -7.60 -5.39
CA GLU A 550 0.54 -6.48 -4.88
C GLU A 550 -0.32 -5.27 -4.45
N ILE A 551 -1.33 -4.94 -5.25
CA ILE A 551 -2.27 -3.88 -4.90
C ILE A 551 -2.99 -4.23 -3.60
N LEU A 552 -3.43 -5.48 -3.51
CA LEU A 552 -4.07 -5.96 -2.27
C LEU A 552 -3.13 -5.87 -1.06
N GLN A 553 -1.88 -6.30 -1.21
CA GLN A 553 -0.89 -6.24 -0.12
CA GLN A 553 -0.92 -6.25 -0.11
C GLN A 553 -0.76 -4.84 0.42
N PHE A 554 -0.62 -3.87 -0.49
CA PHE A 554 -0.42 -2.49 -0.05
C PHE A 554 -1.64 -1.91 0.65
N ASN A 555 -2.83 -2.35 0.27
CA ASN A 555 -4.03 -1.99 1.03
C ASN A 555 -4.02 -2.56 2.46
N LEU A 556 -3.55 -3.79 2.63
CA LEU A 556 -3.41 -4.36 3.99
C LEU A 556 -2.38 -3.60 4.84
N LEU A 557 -1.43 -2.97 4.16
CA LEU A 557 -0.36 -2.23 4.80
C LEU A 557 -0.67 -0.73 4.98
N GLY A 558 -1.91 -0.32 4.72
CA GLY A 558 -2.33 1.06 4.94
C GLY A 558 -1.91 2.05 3.88
N VAL A 559 -1.61 1.55 2.69
CA VAL A 559 -1.32 2.40 1.52
C VAL A 559 -2.36 2.10 0.43
N PRO A 560 -3.63 2.49 0.65
CA PRO A 560 -4.70 2.15 -0.31
C PRO A 560 -4.56 2.86 -1.66
N LEU A 561 -3.92 4.03 -1.65
CA LEU A 561 -3.69 4.74 -2.90
C LEU A 561 -2.50 4.12 -3.60
N VAL A 562 -2.78 3.02 -4.29
CA VAL A 562 -1.75 2.22 -4.94
C VAL A 562 -2.28 1.71 -6.29
N GLY A 563 -1.35 1.52 -7.22
CA GLY A 563 -1.62 0.85 -8.47
C GLY A 563 -0.32 0.52 -9.20
N ALA A 564 -0.47 -0.16 -10.34
CA ALA A 564 0.63 -0.44 -11.22
C ALA A 564 0.42 0.37 -12.50
N ASP A 565 1.51 0.63 -13.22
CA ASP A 565 1.43 1.32 -14.49
C ASP A 565 0.52 0.56 -15.44
N VAL A 566 -0.58 1.18 -15.84
CA VAL A 566 -1.56 0.49 -16.67
C VAL A 566 -1.00 0.23 -18.08
N CYS A 567 -1.17 -1.01 -18.56
CA CYS A 567 -0.56 -1.59 -19.75
C CYS A 567 0.94 -1.91 -19.62
N GLY A 568 1.50 -1.63 -18.44
CA GLY A 568 2.89 -1.96 -18.12
C GLY A 568 3.83 -0.86 -18.57
N PHE A 569 4.98 -0.80 -17.90
CA PHE A 569 5.96 0.24 -18.14
C PHE A 569 7.02 -0.17 -19.16
N LEU A 570 7.74 -1.25 -18.87
CA LEU A 570 8.86 -1.71 -19.70
C LEU A 570 8.36 -2.51 -20.88
N GLY A 571 9.09 -2.43 -21.97
CA GLY A 571 8.75 -3.18 -23.16
C GLY A 571 7.57 -2.60 -23.90
N ASN A 572 7.05 -3.40 -24.84
CA ASN A 572 5.92 -3.00 -25.69
C ASN A 572 4.68 -3.80 -25.33
N THR A 573 3.58 -3.10 -25.04
CA THR A 573 2.33 -3.76 -24.73
C THR A 573 1.73 -4.27 -26.03
N SER A 574 0.79 -5.20 -25.94
CA SER A 574 -0.03 -5.58 -27.07
C SER A 574 -1.40 -4.99 -26.84
N GLU A 575 -2.19 -4.90 -27.90
CA GLU A 575 -3.52 -4.34 -27.80
C GLU A 575 -4.37 -5.18 -26.84
N GLU A 576 -4.31 -6.51 -26.97
CA GLU A 576 -5.10 -7.38 -26.10
C GLU A 576 -4.69 -7.18 -24.63
N LEU A 577 -3.38 -7.11 -24.38
CA LEU A 577 -2.90 -6.93 -23.01
C LEU A 577 -3.37 -5.57 -22.46
N CYS A 578 -3.28 -4.54 -23.27
CA CYS A 578 -3.69 -3.22 -22.80
C CYS A 578 -5.20 -3.11 -22.55
N VAL A 579 -6.02 -3.83 -23.31
CA VAL A 579 -7.47 -3.91 -22.99
C VAL A 579 -7.70 -4.53 -21.62
N ARG A 580 -7.11 -5.70 -21.40
CA ARG A 580 -7.29 -6.41 -20.15
C ARG A 580 -6.69 -5.64 -18.98
N TRP A 581 -5.54 -4.99 -19.20
CA TRP A 581 -4.89 -4.22 -18.16
C TRP A 581 -5.68 -2.96 -17.83
N THR A 582 -6.26 -2.33 -18.84
CA THR A 582 -7.12 -1.19 -18.61
C THR A 582 -8.42 -1.57 -17.87
N GLN A 583 -8.99 -2.71 -18.21
CA GLN A 583 -10.16 -3.23 -17.49
C GLN A 583 -9.88 -3.47 -15.99
N LEU A 584 -8.81 -4.20 -15.71
CA LEU A 584 -8.43 -4.46 -14.33
C LEU A 584 -7.94 -3.20 -13.64
N GLY A 585 -7.12 -2.44 -14.35
CA GLY A 585 -6.50 -1.24 -13.81
C GLY A 585 -7.45 -0.11 -13.47
N ALA A 586 -8.61 -0.07 -14.13
CA ALA A 586 -9.71 0.80 -13.71
C ALA A 586 -10.19 0.53 -12.29
N PHE A 587 -9.81 -0.60 -11.74
CA PHE A 587 -10.10 -0.92 -10.35
C PHE A 587 -8.88 -0.84 -9.43
N TYR A 588 -7.75 -0.35 -9.92
CA TYR A 588 -6.67 0.03 -9.01
C TYR A 588 -7.16 1.30 -8.31
N PRO A 589 -6.96 1.40 -6.98
CA PRO A 589 -7.40 2.67 -6.39
C PRO A 589 -6.67 3.92 -6.97
N PHE A 590 -5.41 3.75 -7.35
CA PHE A 590 -4.63 4.76 -8.09
C PHE A 590 -4.44 4.24 -9.52
N MET A 591 -4.99 4.96 -10.49
CA MET A 591 -5.02 4.50 -11.86
C MET A 591 -4.28 5.43 -12.80
N ARG A 592 -3.08 5.00 -13.20
CA ARG A 592 -2.21 5.71 -14.13
C ARG A 592 -1.66 4.75 -15.15
N ASN A 593 -1.71 5.16 -16.42
CA ASN A 593 -1.04 4.49 -17.53
C ASN A 593 0.26 5.29 -17.72
N HIS A 594 1.40 4.62 -17.61
CA HIS A 594 2.71 5.23 -17.75
C HIS A 594 3.54 4.27 -18.56
N ASN A 595 4.52 4.80 -19.30
CA ASN A 595 5.19 4.08 -20.38
C ASN A 595 6.64 4.53 -20.51
N SER A 596 7.54 3.61 -20.88
CA SER A 596 8.96 3.93 -20.93
C SER A 596 9.34 4.66 -22.21
N LEU A 597 10.56 5.19 -22.18
CA LEU A 597 11.07 6.04 -23.25
C LEU A 597 11.08 5.33 -24.61
N LEU A 598 11.50 4.08 -24.61
CA LEU A 598 11.70 3.35 -25.87
C LEU A 598 10.51 2.49 -26.28
N SER A 599 9.43 2.55 -25.53
CA SER A 599 8.27 1.72 -25.84
C SER A 599 7.41 2.34 -26.94
N LEU A 600 6.65 1.49 -27.62
CA LEU A 600 5.59 1.94 -28.48
C LEU A 600 4.47 2.61 -27.68
N PRO A 601 3.73 3.52 -28.31
CA PRO A 601 2.72 4.24 -27.56
C PRO A 601 1.61 3.34 -27.04
N GLN A 602 1.03 3.68 -25.91
CA GLN A 602 -0.06 2.89 -25.33
C GLN A 602 -1.19 3.74 -24.70
N GLU A 603 -1.34 4.97 -25.17
CA GLU A 603 -2.49 5.77 -24.75
C GLU A 603 -3.76 5.14 -25.33
N PRO A 604 -4.88 5.25 -24.62
CA PRO A 604 -6.13 4.62 -25.08
C PRO A 604 -6.49 4.92 -26.54
N TYR A 605 -6.27 6.16 -26.99
CA TYR A 605 -6.58 6.58 -28.37
C TYR A 605 -5.67 6.01 -29.44
N SER A 606 -4.55 5.42 -29.05
CA SER A 606 -3.58 4.83 -29.98
C SER A 606 -3.93 3.42 -30.46
N PHE A 607 -5.06 2.88 -30.03
CA PHE A 607 -5.46 1.50 -30.40
C PHE A 607 -6.60 1.43 -31.43
N SER A 608 -6.95 0.22 -31.85
CA SER A 608 -8.07 0.03 -32.76
C SER A 608 -9.39 0.42 -32.13
N GLU A 609 -10.40 0.63 -32.97
CA GLU A 609 -11.71 1.06 -32.53
C GLU A 609 -12.32 0.15 -31.48
N PRO A 610 -12.36 -1.17 -31.73
CA PRO A 610 -12.92 -2.04 -30.71
C PRO A 610 -12.19 -1.95 -29.39
N ALA A 611 -10.86 -1.88 -29.43
CA ALA A 611 -10.07 -1.75 -28.19
C ALA A 611 -10.33 -0.41 -27.48
N GLN A 612 -10.40 0.67 -28.24
CA GLN A 612 -10.81 1.97 -27.72
C GLN A 612 -12.17 1.92 -27.03
N GLN A 613 -13.15 1.26 -27.64
CA GLN A 613 -14.46 1.09 -27.00
C GLN A 613 -14.37 0.39 -25.65
N ALA A 614 -13.63 -0.72 -25.57
CA ALA A 614 -13.45 -1.44 -24.30
C ALA A 614 -12.74 -0.59 -23.25
N MET A 615 -11.72 0.15 -23.67
CA MET A 615 -11.00 1.04 -22.77
C MET A 615 -11.88 2.18 -22.28
N ARG A 616 -12.72 2.72 -23.17
CA ARG A 616 -13.58 3.85 -22.85
C ARG A 616 -14.62 3.38 -21.83
N LYS A 617 -15.12 2.17 -22.03
CA LYS A 617 -16.10 1.59 -21.13
C LYS A 617 -15.52 1.41 -19.73
N ALA A 618 -14.28 0.94 -19.65
CA ALA A 618 -13.57 0.80 -18.37
C ALA A 618 -13.42 2.15 -17.64
N LEU A 619 -12.99 3.20 -18.34
CA LEU A 619 -12.84 4.51 -17.71
C LEU A 619 -14.20 5.10 -17.32
N THR A 620 -15.18 4.95 -18.20
CA THR A 620 -16.54 5.43 -17.94
C THR A 620 -17.13 4.81 -16.66
N LEU A 621 -16.98 3.51 -16.50
CA LEU A 621 -17.49 2.82 -15.31
C LEU A 621 -16.77 3.34 -14.05
N ARG A 622 -15.45 3.44 -14.13
CA ARG A 622 -14.69 3.98 -12.99
C ARG A 622 -15.19 5.36 -12.59
N TYR A 623 -15.39 6.23 -13.59
CA TYR A 623 -15.87 7.56 -13.33
C TYR A 623 -17.27 7.54 -12.72
N ALA A 624 -18.14 6.65 -13.19
CA ALA A 624 -19.47 6.50 -12.61
C ALA A 624 -19.38 6.10 -11.13
N LEU A 625 -18.38 5.28 -10.81
CA LEU A 625 -18.19 4.78 -9.44
C LEU A 625 -17.43 5.70 -8.48
N LEU A 626 -16.95 6.86 -8.95
CA LEU A 626 -16.12 7.73 -8.12
C LEU A 626 -16.70 8.18 -6.79
N PRO A 627 -18.00 8.53 -6.72
CA PRO A 627 -18.53 8.92 -5.41
C PRO A 627 -18.37 7.76 -4.40
N HIS A 628 -18.52 6.54 -4.89
CA HIS A 628 -18.37 5.35 -4.07
C HIS A 628 -16.90 5.11 -3.73
N LEU A 629 -16.02 5.15 -4.73
CA LEU A 629 -14.58 5.01 -4.44
C LEU A 629 -14.08 6.04 -3.43
N TYR A 630 -14.56 7.27 -3.56
CA TYR A 630 -14.16 8.34 -2.63
C TYR A 630 -14.68 8.09 -1.21
N THR A 631 -15.87 7.52 -1.10
CA THR A 631 -16.43 7.18 0.20
C THR A 631 -15.57 6.10 0.85
N LEU A 632 -15.12 5.15 0.04
CA LEU A 632 -14.24 4.11 0.53
C LEU A 632 -12.93 4.68 1.03
N PHE A 633 -12.40 5.70 0.36
CA PHE A 633 -11.18 6.33 0.85
C PHE A 633 -11.42 7.09 2.18
N HIS A 634 -12.58 7.72 2.31
CA HIS A 634 -12.98 8.34 3.58
C HIS A 634 -13.00 7.29 4.72
N GLN A 635 -13.58 6.12 4.46
CA GLN A 635 -13.55 5.04 5.46
C GLN A 635 -12.13 4.59 5.80
N ALA A 636 -11.24 4.58 4.82
CA ALA A 636 -9.85 4.25 5.08
C ALA A 636 -9.24 5.30 5.98
N HIS A 637 -9.50 6.55 5.63
CA HIS A 637 -8.89 7.69 6.35
C HIS A 637 -9.42 7.81 7.77
N VAL A 638 -10.71 7.53 8.00
CA VAL A 638 -11.29 7.68 9.35
C VAL A 638 -11.29 6.44 10.22
N ALA A 639 -11.23 5.26 9.62
CA ALA A 639 -11.42 4.05 10.38
C ALA A 639 -10.39 2.98 10.10
N GLY A 640 -9.37 3.28 9.30
CA GLY A 640 -8.30 2.29 9.02
C GLY A 640 -8.78 1.12 8.16
N GLU A 641 -9.81 1.35 7.36
CA GLU A 641 -10.31 0.34 6.42
CA GLU A 641 -10.31 0.34 6.44
C GLU A 641 -9.44 0.24 5.19
N THR A 642 -9.56 -0.88 4.49
CA THR A 642 -8.93 -1.06 3.19
C THR A 642 -9.89 -0.59 2.09
N VAL A 643 -9.36 -0.20 0.95
CA VAL A 643 -10.16 0.26 -0.19
C VAL A 643 -10.32 -0.91 -1.14
N ALA A 644 -9.22 -1.40 -1.68
CA ALA A 644 -9.22 -2.69 -2.35
C ALA A 644 -8.81 -3.76 -1.38
N ARG A 645 -9.59 -4.83 -1.30
CA ARG A 645 -9.36 -5.87 -0.29
C ARG A 645 -9.53 -7.28 -0.84
N PRO A 646 -8.73 -8.21 -0.33
CA PRO A 646 -8.84 -9.58 -0.76
C PRO A 646 -10.14 -10.19 -0.24
N LEU A 647 -10.62 -11.20 -0.93
CA LEU A 647 -11.86 -11.87 -0.48
C LEU A 647 -11.74 -12.33 0.98
N PHE A 648 -10.57 -12.82 1.41
CA PHE A 648 -10.43 -13.34 2.77
C PHE A 648 -10.63 -12.26 3.85
N LEU A 649 -10.40 -10.98 3.52
CA LEU A 649 -10.66 -9.93 4.52
C LEU A 649 -12.13 -9.75 4.76
N GLU A 650 -12.93 -9.99 3.73
CA GLU A 650 -14.36 -9.79 3.83
C GLU A 650 -15.11 -11.03 4.25
N PHE A 651 -14.60 -12.20 3.87
CA PHE A 651 -15.22 -13.49 4.24
C PHE A 651 -14.19 -14.46 4.84
N PRO A 652 -13.55 -14.05 5.96
CA PRO A 652 -12.45 -14.85 6.56
C PRO A 652 -12.89 -16.22 7.06
N LYS A 653 -14.17 -16.38 7.38
CA LYS A 653 -14.68 -17.67 7.91
C LYS A 653 -14.93 -18.68 6.79
N ASP A 654 -14.79 -18.26 5.54
CA ASP A 654 -14.79 -19.18 4.41
C ASP A 654 -13.34 -19.41 3.97
N SER A 655 -12.79 -20.54 4.37
CA SER A 655 -11.38 -20.85 4.13
C SER A 655 -11.04 -21.03 2.65
N SER A 656 -12.03 -21.31 1.79
CA SER A 656 -11.80 -21.30 0.35
C SER A 656 -11.35 -19.91 -0.16
N THR A 657 -11.59 -18.83 0.58
CA THR A 657 -11.12 -17.49 0.15
C THR A 657 -9.63 -17.25 0.43
N TRP A 658 -9.01 -18.05 1.29
CA TRP A 658 -7.72 -17.69 1.84
C TRP A 658 -6.62 -17.54 0.79
N THR A 659 -6.65 -18.36 -0.25
CA THR A 659 -5.63 -18.31 -1.31
C THR A 659 -6.02 -17.51 -2.55
N VAL A 660 -7.18 -16.86 -2.52
CA VAL A 660 -7.66 -16.13 -3.68
C VAL A 660 -6.96 -14.76 -3.73
N ASP A 661 -6.18 -14.53 -4.77
CA ASP A 661 -5.54 -13.22 -4.96
C ASP A 661 -5.56 -12.70 -6.42
N HIS A 662 -6.33 -13.35 -7.30
CA HIS A 662 -6.57 -12.84 -8.65
C HIS A 662 -7.99 -12.32 -8.87
N GLN A 663 -8.74 -12.24 -7.77
CA GLN A 663 -9.91 -11.40 -7.67
C GLN A 663 -9.71 -10.36 -6.57
N LEU A 664 -10.46 -9.28 -6.65
CA LEU A 664 -10.46 -8.27 -5.60
C LEU A 664 -11.84 -7.72 -5.33
N LEU A 665 -12.02 -7.24 -4.10
CA LEU A 665 -13.18 -6.44 -3.72
C LEU A 665 -12.81 -4.96 -3.67
N TRP A 666 -13.70 -4.10 -4.15
CA TRP A 666 -13.76 -2.75 -3.64
C TRP A 666 -14.71 -2.75 -2.46
N GLY A 667 -14.20 -2.37 -1.29
CA GLY A 667 -14.98 -2.35 -0.06
C GLY A 667 -15.60 -3.71 0.24
N GLU A 668 -16.82 -3.70 0.74
CA GLU A 668 -17.50 -4.95 1.13
C GLU A 668 -18.24 -5.61 -0.03
N ALA A 669 -18.53 -4.86 -1.10
CA ALA A 669 -19.67 -5.21 -1.96
C ALA A 669 -19.42 -5.38 -3.46
N LEU A 670 -18.28 -4.93 -3.98
CA LEU A 670 -18.02 -4.99 -5.42
C LEU A 670 -16.88 -5.98 -5.71
N LEU A 671 -17.23 -7.08 -6.37
CA LEU A 671 -16.32 -8.17 -6.65
C LEU A 671 -15.92 -8.08 -8.11
N ILE A 672 -14.61 -7.99 -8.33
CA ILE A 672 -14.04 -7.85 -9.66
C ILE A 672 -13.26 -9.11 -9.98
N THR A 673 -13.60 -9.72 -11.10
CA THR A 673 -13.03 -10.99 -11.52
C THR A 673 -12.45 -10.81 -12.94
N PRO A 674 -11.17 -10.40 -13.02
CA PRO A 674 -10.60 -10.01 -14.31
C PRO A 674 -10.08 -11.20 -15.09
N VAL A 675 -10.09 -11.10 -16.42
CA VAL A 675 -9.25 -11.98 -17.25
C VAL A 675 -7.80 -11.49 -17.18
N LEU A 676 -6.87 -12.41 -16.92
CA LEU A 676 -5.46 -12.10 -16.72
C LEU A 676 -4.54 -12.91 -17.62
N GLN A 677 -5.10 -13.53 -18.66
CA GLN A 677 -4.31 -14.32 -19.58
C GLN A 677 -4.75 -14.02 -21.01
N ALA A 678 -3.81 -14.17 -21.93
CA ALA A 678 -4.11 -13.94 -23.34
C ALA A 678 -5.08 -15.01 -23.85
N GLY A 679 -5.96 -14.63 -24.78
CA GLY A 679 -6.76 -15.60 -25.54
C GLY A 679 -7.95 -16.21 -24.80
N LYS A 680 -8.34 -15.62 -23.68
CA LYS A 680 -9.44 -16.14 -22.89
C LYS A 680 -10.73 -15.37 -23.18
N ALA A 681 -11.84 -16.10 -23.30
CA ALA A 681 -13.17 -15.50 -23.45
C ALA A 681 -14.06 -15.90 -22.27
N GLU A 682 -13.47 -16.48 -21.24
CA GLU A 682 -14.17 -16.76 -20.00
C GLU A 682 -13.19 -16.70 -18.84
N VAL A 683 -13.73 -16.64 -17.63
CA VAL A 683 -12.92 -16.63 -16.42
C VAL A 683 -13.61 -17.42 -15.31
N THR A 684 -12.81 -18.09 -14.48
CA THR A 684 -13.32 -18.81 -13.33
C THR A 684 -12.92 -18.09 -12.05
N GLY A 685 -13.93 -17.67 -11.28
CA GLY A 685 -13.70 -16.95 -10.03
C GLY A 685 -14.51 -17.50 -8.87
N TYR A 686 -14.05 -17.20 -7.66
CA TYR A 686 -14.70 -17.66 -6.45
C TYR A 686 -15.79 -16.68 -6.02
N PHE A 687 -16.96 -17.20 -5.72
CA PHE A 687 -18.09 -16.42 -5.27
C PHE A 687 -18.49 -16.85 -3.88
N PRO A 688 -18.20 -16.00 -2.88
CA PRO A 688 -18.60 -16.30 -1.52
C PRO A 688 -20.12 -16.46 -1.38
N LEU A 689 -20.54 -17.08 -0.28
CA LEU A 689 -21.95 -17.28 -0.01
C LEU A 689 -22.73 -15.97 -0.17
N GLY A 690 -23.78 -16.05 -0.97
CA GLY A 690 -24.62 -14.88 -1.24
C GLY A 690 -25.08 -14.79 -2.67
N THR A 691 -25.88 -13.74 -2.92
CA THR A 691 -26.37 -13.40 -4.24
C THR A 691 -25.48 -12.28 -4.76
N TRP A 692 -25.01 -12.44 -6.00
CA TRP A 692 -24.13 -11.47 -6.64
C TRP A 692 -24.72 -11.01 -7.96
N TYR A 693 -25.09 -9.74 -8.04
CA TYR A 693 -25.75 -9.20 -9.22
C TYR A 693 -24.70 -8.73 -10.22
N ASP A 694 -24.89 -9.05 -11.49
CA ASP A 694 -24.02 -8.53 -12.53
C ASP A 694 -24.22 -7.01 -12.68
N LEU A 695 -23.14 -6.25 -12.50
CA LEU A 695 -23.24 -4.79 -12.52
C LEU A 695 -23.62 -4.27 -13.91
N GLN A 696 -23.35 -5.03 -14.96
CA GLN A 696 -23.84 -4.69 -16.30
C GLN A 696 -25.36 -4.52 -16.39
N THR A 697 -26.13 -5.02 -15.41
CA THR A 697 -27.59 -4.81 -15.39
C THR A 697 -28.01 -3.44 -14.84
N VAL A 698 -27.06 -2.66 -14.34
CA VAL A 698 -27.31 -1.26 -14.00
C VAL A 698 -27.00 -0.36 -15.20
N PRO A 699 -28.00 0.36 -15.73
CA PRO A 699 -27.70 1.31 -16.83
C PRO A 699 -26.70 2.42 -16.48
N ILE A 700 -25.61 2.51 -17.25
CA ILE A 700 -24.60 3.59 -17.13
C ILE A 700 -24.51 4.32 -18.48
N GLU A 701 -24.40 5.65 -18.44
CA GLU A 701 -24.41 6.50 -19.65
C GLU A 701 -23.00 6.68 -20.24
N GLU A 715 -26.18 -13.94 -17.28
CA GLU A 715 -26.96 -14.21 -16.07
C GLU A 715 -27.03 -12.99 -15.13
N PRO A 716 -28.25 -12.45 -14.87
CA PRO A 716 -28.35 -11.23 -14.07
C PRO A 716 -27.88 -11.39 -12.61
N ALA A 717 -27.95 -12.61 -12.07
CA ALA A 717 -27.56 -12.86 -10.67
C ALA A 717 -26.95 -14.23 -10.43
N ILE A 718 -25.80 -14.26 -9.75
CA ILE A 718 -25.18 -15.51 -9.29
C ILE A 718 -25.68 -15.80 -7.87
N HIS A 719 -26.34 -16.94 -7.69
CA HIS A 719 -26.75 -17.38 -6.35
C HIS A 719 -25.75 -18.42 -5.86
N SER A 720 -24.83 -17.98 -5.01
CA SER A 720 -23.68 -18.82 -4.64
C SER A 720 -23.83 -19.40 -3.25
N GLU A 721 -23.45 -20.67 -3.11
CA GLU A 721 -23.31 -21.31 -1.80
C GLU A 721 -21.90 -21.19 -1.25
N GLY A 722 -21.05 -20.42 -1.92
CA GLY A 722 -19.62 -20.44 -1.66
C GLY A 722 -18.98 -21.41 -2.63
N GLN A 723 -18.61 -20.93 -3.82
CA GLN A 723 -18.25 -21.83 -4.90
C GLN A 723 -17.55 -21.12 -6.02
N TRP A 724 -16.79 -21.88 -6.81
CA TRP A 724 -16.21 -21.37 -8.03
C TRP A 724 -17.24 -21.32 -9.16
N VAL A 725 -17.22 -20.24 -9.94
CA VAL A 725 -18.15 -20.06 -11.03
C VAL A 725 -17.38 -19.65 -12.28
N THR A 726 -17.69 -20.29 -13.42
CA THR A 726 -17.12 -19.90 -14.71
C THR A 726 -18.07 -18.93 -15.41
N LEU A 727 -17.52 -17.80 -15.85
CA LEU A 727 -18.30 -16.67 -16.36
C LEU A 727 -17.86 -16.32 -17.76
N PRO A 728 -18.79 -15.95 -18.65
CA PRO A 728 -18.32 -15.42 -19.92
C PRO A 728 -17.51 -14.13 -19.70
N ALA A 729 -16.46 -13.97 -20.47
CA ALA A 729 -15.60 -12.77 -20.40
C ALA A 729 -14.91 -12.53 -21.73
N PRO A 730 -15.68 -12.13 -22.75
CA PRO A 730 -15.09 -11.77 -24.02
C PRO A 730 -14.17 -10.56 -23.87
N LEU A 731 -13.41 -10.25 -24.92
CA LEU A 731 -12.46 -9.14 -24.85
C LEU A 731 -13.10 -7.85 -24.34
N ASP A 732 -14.31 -7.52 -24.80
CA ASP A 732 -14.98 -6.28 -24.42
C ASP A 732 -15.51 -6.20 -22.96
N THR A 733 -15.26 -7.23 -22.15
CA THR A 733 -15.92 -7.39 -20.85
C THR A 733 -14.97 -7.65 -19.70
N ILE A 734 -15.25 -7.02 -18.57
CA ILE A 734 -14.70 -7.47 -17.30
C ILE A 734 -15.88 -7.72 -16.37
N ASN A 735 -15.82 -8.84 -15.67
CA ASN A 735 -16.86 -9.21 -14.74
C ASN A 735 -16.77 -8.42 -13.46
N VAL A 736 -17.85 -7.71 -13.14
CA VAL A 736 -17.97 -6.98 -11.89
C VAL A 736 -19.33 -7.33 -11.29
N HIS A 737 -19.35 -7.78 -10.03
CA HIS A 737 -20.60 -8.12 -9.40
C HIS A 737 -20.82 -7.34 -8.13
N LEU A 738 -22.09 -7.04 -7.88
CA LEU A 738 -22.50 -6.30 -6.70
C LEU A 738 -23.24 -7.22 -5.70
N ARG A 739 -22.71 -7.27 -4.48
CA ARG A 739 -23.24 -8.09 -3.39
C ARG A 739 -24.62 -7.65 -2.92
N ALA A 740 -25.55 -8.60 -2.85
CA ALA A 740 -26.86 -8.32 -2.29
C ALA A 740 -26.75 -7.81 -0.85
N GLY A 741 -27.56 -6.81 -0.52
CA GLY A 741 -27.51 -6.17 0.79
C GLY A 741 -26.86 -4.80 0.74
N TYR A 742 -26.44 -4.35 -0.44
CA TYR A 742 -25.62 -3.15 -0.57
C TYR A 742 -26.16 -2.16 -1.58
N ILE A 743 -25.94 -0.88 -1.29
CA ILE A 743 -26.33 0.25 -2.10
C ILE A 743 -25.09 1.10 -2.40
N ILE A 744 -24.88 1.38 -3.68
CA ILE A 744 -23.71 2.08 -4.20
C ILE A 744 -24.18 3.41 -4.79
N PRO A 745 -23.54 4.54 -4.42
CA PRO A 745 -23.84 5.80 -5.08
C PRO A 745 -23.01 5.97 -6.33
N LEU A 746 -23.63 6.50 -7.38
CA LEU A 746 -22.98 6.72 -8.66
C LEU A 746 -23.20 8.15 -9.12
N GLN A 747 -22.41 8.60 -10.08
CA GLN A 747 -22.58 9.93 -10.63
C GLN A 747 -22.42 9.92 -12.15
N GLY A 748 -23.07 10.86 -12.81
CA GLY A 748 -23.06 10.98 -14.26
C GLY A 748 -21.70 11.27 -14.84
N PRO A 749 -21.60 11.30 -16.18
CA PRO A 749 -20.31 11.24 -16.82
C PRO A 749 -19.62 12.59 -16.97
N GLY A 750 -18.32 12.51 -17.27
CA GLY A 750 -17.51 13.68 -17.59
C GLY A 750 -16.15 13.23 -18.07
N LEU A 751 -15.44 14.09 -18.79
CA LEU A 751 -14.06 13.78 -19.11
C LEU A 751 -13.08 14.20 -18.01
N THR A 752 -13.58 14.92 -17.00
CA THR A 752 -12.80 15.20 -15.78
C THR A 752 -13.74 15.13 -14.60
N THR A 753 -13.16 15.03 -13.39
CA THR A 753 -13.94 15.14 -12.14
C THR A 753 -14.52 16.54 -11.93
N THR A 754 -13.88 17.56 -12.49
CA THR A 754 -14.46 18.91 -12.45
C THR A 754 -15.86 18.89 -13.10
N GLU A 755 -15.95 18.22 -14.23
CA GLU A 755 -17.21 18.04 -14.94
C GLU A 755 -18.13 17.01 -14.23
N SER A 756 -17.60 15.83 -13.91
CA SER A 756 -18.45 14.75 -13.39
C SER A 756 -19.11 15.11 -12.05
N ARG A 757 -18.39 15.85 -11.20
CA ARG A 757 -18.91 16.26 -9.91
C ARG A 757 -20.14 17.16 -9.98
N GLN A 758 -20.38 17.79 -11.13
CA GLN A 758 -21.57 18.60 -11.31
C GLN A 758 -22.79 17.82 -11.83
N GLN A 759 -22.65 16.54 -12.12
CA GLN A 759 -23.71 15.78 -12.75
C GLN A 759 -24.70 15.22 -11.71
N PRO A 760 -25.91 14.87 -12.16
CA PRO A 760 -26.86 14.17 -11.31
C PRO A 760 -26.27 12.84 -10.85
N MET A 761 -26.73 12.39 -9.70
CA MET A 761 -26.30 11.13 -9.12
CA MET A 761 -26.30 11.12 -9.12
C MET A 761 -27.37 10.05 -9.25
N ALA A 762 -26.98 8.83 -8.92
CA ALA A 762 -27.85 7.69 -9.01
C ALA A 762 -27.51 6.73 -7.87
N LEU A 763 -28.46 5.86 -7.53
CA LEU A 763 -28.20 4.72 -6.65
C LEU A 763 -28.36 3.40 -7.39
N ALA A 764 -27.49 2.44 -7.07
CA ALA A 764 -27.72 1.04 -7.40
C ALA A 764 -28.00 0.29 -6.12
N VAL A 765 -29.16 -0.32 -6.07
CA VAL A 765 -29.68 -0.92 -4.85
C VAL A 765 -29.80 -2.43 -5.04
N ALA A 766 -28.89 -3.19 -4.42
CA ALA A 766 -28.87 -4.65 -4.55
C ALA A 766 -29.62 -5.30 -3.37
N LEU A 767 -30.83 -5.78 -3.63
CA LEU A 767 -31.67 -6.31 -2.57
C LEU A 767 -31.24 -7.72 -2.19
N THR A 768 -31.29 -8.01 -0.88
CA THR A 768 -31.28 -9.39 -0.45
C THR A 768 -32.59 -10.03 -0.85
N LYS A 769 -32.64 -11.36 -0.78
CA LYS A 769 -33.90 -12.09 -0.97
C LYS A 769 -35.01 -11.50 -0.09
N GLY A 770 -34.67 -11.14 1.14
CA GLY A 770 -35.60 -10.50 2.08
C GLY A 770 -35.88 -9.02 1.86
N GLY A 771 -35.31 -8.40 0.82
CA GLY A 771 -35.64 -7.01 0.49
C GLY A 771 -34.81 -5.91 1.17
N GLU A 772 -33.65 -6.28 1.70
CA GLU A 772 -32.87 -5.37 2.51
C GLU A 772 -31.63 -4.96 1.72
N ALA A 773 -31.23 -3.71 1.91
CA ALA A 773 -29.92 -3.23 1.47
C ALA A 773 -29.52 -1.98 2.27
N ARG A 774 -28.21 -1.73 2.32
CA ARG A 774 -27.68 -0.55 2.97
C ARG A 774 -26.46 -0.01 2.22
N GLY A 775 -26.33 1.32 2.20
CA GLY A 775 -25.14 1.95 1.63
C GLY A 775 -24.89 3.32 2.22
N GLU A 776 -23.85 3.98 1.73
CA GLU A 776 -23.57 5.34 2.17
C GLU A 776 -22.82 6.20 1.18
N LEU A 777 -22.89 7.50 1.42
CA LEU A 777 -22.19 8.49 0.63
C LEU A 777 -21.53 9.48 1.56
N PHE A 778 -20.26 9.76 1.32
CA PHE A 778 -19.53 10.85 1.94
C PHE A 778 -19.21 11.85 0.82
N TRP A 779 -19.46 13.13 1.09
CA TRP A 779 -19.27 14.19 0.10
C TRP A 779 -18.69 15.43 0.76
N ASP A 780 -17.63 15.96 0.18
CA ASP A 780 -17.06 17.23 0.62
C ASP A 780 -16.66 18.00 -0.64
N ASP A 781 -15.91 19.10 -0.49
CA ASP A 781 -15.52 19.90 -1.66
C ASP A 781 -14.41 19.25 -2.49
N GLY A 782 -13.89 18.13 -2.02
CA GLY A 782 -12.94 17.33 -2.78
C GLY A 782 -11.48 17.72 -2.74
N GLU A 783 -11.11 18.82 -2.06
CA GLU A 783 -9.69 19.23 -1.98
C GLU A 783 -9.26 19.96 -0.72
N SER A 784 -10.18 20.47 0.09
CA SER A 784 -9.79 21.30 1.25
C SER A 784 -9.13 20.48 2.36
N LEU A 785 -8.30 21.17 3.13
CA LEU A 785 -7.65 20.58 4.29
C LEU A 785 -8.58 20.65 5.50
N GLU A 786 -8.37 19.72 6.44
CA GLU A 786 -9.05 19.68 7.74
C GLU A 786 -10.56 19.60 7.63
N VAL A 787 -11.07 18.90 6.63
CA VAL A 787 -12.50 18.83 6.43
C VAL A 787 -13.26 18.21 7.62
N LEU A 788 -12.75 17.11 8.15
CA LEU A 788 -13.46 16.36 9.16
C LEU A 788 -13.42 17.12 10.47
N GLU A 789 -12.25 17.64 10.80
CA GLU A 789 -12.09 18.51 11.96
C GLU A 789 -13.07 19.68 11.90
N ARG A 790 -13.25 20.29 10.73
CA ARG A 790 -14.19 21.42 10.58
C ARG A 790 -15.64 21.03 10.29
N GLY A 791 -15.93 19.74 10.15
CA GLY A 791 -17.28 19.32 9.80
C GLY A 791 -17.81 19.79 8.44
N ALA A 792 -16.90 20.07 7.51
CA ALA A 792 -17.29 20.61 6.18
C ALA A 792 -17.60 19.49 5.18
N TYR A 793 -18.56 18.65 5.52
CA TYR A 793 -18.87 17.51 4.68
C TYR A 793 -20.29 17.06 4.91
N THR A 794 -20.82 16.32 3.95
CA THR A 794 -22.12 15.69 4.09
C THR A 794 -21.96 14.19 4.13
N GLN A 795 -22.79 13.52 4.94
CA GLN A 795 -22.74 12.09 5.09
C GLN A 795 -24.19 11.57 5.11
N VAL A 796 -24.49 10.64 4.24
CA VAL A 796 -25.85 10.13 4.09
C VAL A 796 -25.79 8.61 4.07
N ILE A 797 -26.77 7.99 4.72
CA ILE A 797 -26.95 6.55 4.66
C ILE A 797 -28.19 6.24 3.82
N PHE A 798 -28.14 5.18 3.03
CA PHE A 798 -29.29 4.71 2.25
C PHE A 798 -29.73 3.37 2.78
N LEU A 799 -31.05 3.19 2.91
CA LEU A 799 -31.61 1.94 3.41
C LEU A 799 -32.77 1.51 2.56
N ALA A 800 -32.73 0.25 2.14
CA ALA A 800 -33.85 -0.41 1.50
C ALA A 800 -34.45 -1.42 2.46
N ARG A 801 -35.78 -1.40 2.58
CA ARG A 801 -36.50 -2.34 3.46
C ARG A 801 -37.96 -2.35 3.04
N ASN A 802 -38.56 -3.53 3.00
CA ASN A 802 -40.00 -3.65 2.79
C ASN A 802 -40.53 -2.85 1.59
N ASN A 803 -39.88 -2.99 0.43
CA ASN A 803 -40.29 -2.29 -0.77
C ASN A 803 -40.24 -0.76 -0.62
N THR A 804 -39.31 -0.27 0.18
CA THR A 804 -39.01 1.15 0.26
C THR A 804 -37.50 1.38 0.26
N ILE A 805 -37.12 2.57 -0.18
CA ILE A 805 -35.74 3.07 -0.12
C ILE A 805 -35.80 4.45 0.48
N VAL A 806 -35.00 4.69 1.52
CA VAL A 806 -34.96 6.02 2.15
C VAL A 806 -33.52 6.41 2.33
N ASN A 807 -33.30 7.70 2.58
CA ASN A 807 -32.01 8.16 3.05
C ASN A 807 -32.08 8.56 4.53
N GLU A 808 -30.94 8.51 5.19
CA GLU A 808 -30.82 8.92 6.57
C GLU A 808 -29.69 9.94 6.63
N LEU A 809 -29.98 11.10 7.17
CA LEU A 809 -29.07 12.25 7.02
C LEU A 809 -28.16 12.35 8.22
N VAL A 810 -26.98 11.76 8.15
CA VAL A 810 -26.06 11.74 9.29
C VAL A 810 -25.52 13.15 9.47
N ARG A 811 -25.09 13.77 8.39
CA ARG A 811 -24.69 15.15 8.45
C ARG A 811 -24.94 15.83 7.12
N VAL A 812 -25.49 17.03 7.15
CA VAL A 812 -25.75 17.77 5.93
C VAL A 812 -25.19 19.17 6.07
N THR A 813 -24.37 19.58 5.11
CA THR A 813 -23.74 20.89 5.13
C THR A 813 -23.86 21.45 3.74
N SER A 814 -23.36 22.67 3.56
CA SER A 814 -23.41 23.36 2.26
C SER A 814 -22.74 22.56 1.14
N GLU A 815 -21.65 21.86 1.50
CA GLU A 815 -20.92 21.09 0.49
CA GLU A 815 -20.90 21.04 0.55
C GLU A 815 -21.72 19.91 -0.06
N GLY A 816 -22.56 19.29 0.76
CA GLY A 816 -23.45 18.22 0.26
C GLY A 816 -24.74 18.72 -0.35
N ALA A 817 -25.02 19.99 -0.17
CA ALA A 817 -26.34 20.49 -0.58
C ALA A 817 -26.35 20.56 -2.10
N GLY A 818 -27.54 20.37 -2.67
CA GLY A 818 -27.74 20.51 -4.11
C GLY A 818 -27.27 19.34 -4.94
N LEU A 819 -26.94 18.22 -4.29
CA LEU A 819 -26.64 16.97 -4.99
C LEU A 819 -27.95 16.35 -5.47
N GLN A 820 -28.08 16.20 -6.78
CA GLN A 820 -29.35 15.80 -7.38
C GLN A 820 -29.33 14.29 -7.58
N LEU A 821 -30.35 13.61 -7.08
CA LEU A 821 -30.52 12.19 -7.32
C LEU A 821 -31.59 12.04 -8.40
N GLN A 822 -31.21 11.49 -9.54
CA GLN A 822 -32.17 11.44 -10.66
C GLN A 822 -32.56 10.02 -11.07
N LYS A 823 -31.83 9.03 -10.59
CA LYS A 823 -32.09 7.65 -10.99
C LYS A 823 -31.86 6.66 -9.84
N VAL A 824 -32.79 5.73 -9.67
CA VAL A 824 -32.64 4.66 -8.71
C VAL A 824 -32.86 3.32 -9.39
N THR A 825 -31.84 2.46 -9.36
CA THR A 825 -31.93 1.15 -9.97
C THR A 825 -31.90 0.10 -8.90
N VAL A 826 -32.93 -0.74 -8.88
CA VAL A 826 -33.11 -1.76 -7.86
C VAL A 826 -32.96 -3.13 -8.49
N LEU A 827 -32.04 -3.94 -7.93
CA LEU A 827 -31.75 -5.25 -8.43
C LEU A 827 -32.40 -6.29 -7.50
N GLY A 828 -32.91 -7.37 -8.11
CA GLY A 828 -33.54 -8.45 -7.37
C GLY A 828 -35.00 -8.18 -7.01
N VAL A 829 -35.70 -7.44 -7.86
CA VAL A 829 -37.14 -7.20 -7.69
C VAL A 829 -37.87 -8.30 -8.40
N ALA A 830 -38.49 -9.17 -7.62
CA ALA A 830 -39.01 -10.45 -8.11
C ALA A 830 -40.26 -10.31 -8.96
N THR A 831 -41.10 -9.32 -8.64
CA THR A 831 -42.37 -9.16 -9.34
C THR A 831 -42.52 -7.72 -9.86
N ALA A 832 -43.09 -7.59 -11.04
CA ALA A 832 -43.27 -6.27 -11.66
C ALA A 832 -44.22 -5.43 -10.78
N PRO A 833 -43.84 -4.18 -10.47
CA PRO A 833 -44.73 -3.37 -9.66
C PRO A 833 -45.86 -2.75 -10.49
N GLN A 834 -47.00 -2.55 -9.84
CA GLN A 834 -48.11 -1.82 -10.42
C GLN A 834 -47.95 -0.32 -10.21
N GLN A 835 -47.23 0.07 -9.16
CA GLN A 835 -46.95 1.49 -8.95
C GLN A 835 -45.64 1.74 -8.23
N VAL A 836 -45.02 2.86 -8.59
CA VAL A 836 -43.79 3.32 -7.97
C VAL A 836 -44.05 4.77 -7.54
N LEU A 837 -43.77 5.05 -6.27
CA LEU A 837 -43.99 6.36 -5.69
C LEU A 837 -42.66 6.94 -5.27
N SER A 838 -42.57 8.26 -5.42
CA SER A 838 -41.45 9.05 -4.93
C SER A 838 -42.02 10.20 -4.08
N ASN A 839 -41.70 10.20 -2.80
CA ASN A 839 -42.39 11.09 -1.82
C ASN A 839 -43.90 11.17 -1.98
N GLY A 840 -44.52 10.01 -2.18
CA GLY A 840 -45.96 9.90 -2.24
C GLY A 840 -46.64 10.21 -3.57
N VAL A 841 -45.88 10.57 -4.59
CA VAL A 841 -46.41 10.88 -5.91
C VAL A 841 -45.93 9.80 -6.89
N PRO A 842 -46.83 9.28 -7.75
CA PRO A 842 -46.39 8.30 -8.77
C PRO A 842 -45.27 8.87 -9.65
N VAL A 843 -44.22 8.09 -9.91
CA VAL A 843 -43.02 8.68 -10.55
C VAL A 843 -43.26 8.96 -12.02
N SER A 844 -42.45 9.88 -12.57
CA SER A 844 -42.59 10.31 -13.98
C SER A 844 -42.51 9.09 -14.92
N ASN A 845 -41.57 8.18 -14.66
CA ASN A 845 -41.57 6.87 -15.31
C ASN A 845 -40.56 5.92 -14.68
N PHE A 846 -40.77 4.65 -14.95
CA PHE A 846 -39.91 3.60 -14.48
C PHE A 846 -40.01 2.48 -15.50
N THR A 847 -39.01 1.60 -15.50
CA THR A 847 -39.09 0.37 -16.28
C THR A 847 -38.75 -0.82 -15.39
N TYR A 848 -39.34 -1.95 -15.71
CA TYR A 848 -39.10 -3.20 -15.00
C TYR A 848 -38.81 -4.23 -16.07
N SER A 849 -37.73 -4.97 -15.91
CA SER A 849 -37.38 -6.05 -16.82
C SER A 849 -37.63 -7.40 -16.13
N PRO A 850 -38.67 -8.14 -16.56
CA PRO A 850 -38.95 -9.44 -15.94
C PRO A 850 -37.83 -10.45 -16.11
N ASP A 851 -37.02 -10.31 -17.15
CA ASP A 851 -35.90 -11.22 -17.38
C ASP A 851 -34.76 -11.02 -16.40
N THR A 852 -34.42 -9.76 -16.11
CA THR A 852 -33.29 -9.44 -15.25
C THR A 852 -33.66 -9.12 -13.80
N LYS A 853 -34.96 -9.00 -13.52
CA LYS A 853 -35.47 -8.58 -12.20
C LYS A 853 -34.98 -7.17 -11.82
N VAL A 854 -34.81 -6.30 -12.80
CA VAL A 854 -34.31 -4.95 -12.53
C VAL A 854 -35.43 -3.94 -12.68
N LEU A 855 -35.56 -3.08 -11.66
CA LEU A 855 -36.48 -1.97 -11.65
C LEU A 855 -35.66 -0.68 -11.77
N ASP A 856 -35.93 0.10 -12.80
CA ASP A 856 -35.18 1.33 -13.03
C ASP A 856 -36.14 2.51 -12.91
N ILE A 857 -35.82 3.44 -12.02
CA ILE A 857 -36.77 4.49 -11.61
C ILE A 857 -36.17 5.88 -11.84
N CSO A 858 -36.89 6.73 -12.56
CA CSO A 858 -36.49 8.14 -12.75
CB CSO A 858 -36.98 8.68 -14.09
SG CSO A 858 -36.28 7.80 -15.46
C CSO A 858 -37.11 8.94 -11.64
O CSO A 858 -38.31 8.83 -11.39
OD CSO A 858 -34.55 7.89 -15.23
N VAL A 859 -36.28 9.73 -10.96
CA VAL A 859 -36.73 10.57 -9.85
C VAL A 859 -36.09 11.98 -9.96
N SER A 860 -36.60 12.92 -9.16
CA SER A 860 -35.97 14.23 -8.96
C SER A 860 -35.88 14.52 -7.47
N LEU A 861 -34.82 14.02 -6.87
CA LEU A 861 -34.64 14.06 -5.43
C LEU A 861 -33.28 14.65 -5.11
N LEU A 862 -33.04 14.91 -3.83
CA LEU A 862 -31.79 15.50 -3.39
C LEU A 862 -31.17 14.61 -2.31
N MET A 863 -29.89 14.33 -2.45
CA MET A 863 -29.21 13.45 -1.51
C MET A 863 -29.32 13.99 -0.10
N GLY A 864 -29.25 15.32 0.01
CA GLY A 864 -29.33 15.99 1.30
C GLY A 864 -30.71 16.24 1.89
N GLU A 865 -31.78 15.76 1.22
CA GLU A 865 -33.14 15.97 1.71
C GLU A 865 -33.84 14.65 1.84
N GLN A 866 -34.57 14.47 2.94
CA GLN A 866 -35.16 13.18 3.23
CA GLN A 866 -35.17 13.18 3.24
C GLN A 866 -36.14 12.79 2.13
N PHE A 867 -36.03 11.56 1.66
CA PHE A 867 -36.91 11.06 0.65
C PHE A 867 -37.35 9.64 1.01
N LEU A 868 -38.44 9.23 0.39
CA LEU A 868 -38.97 7.88 0.48
C LEU A 868 -39.46 7.47 -0.89
N VAL A 869 -38.82 6.45 -1.46
CA VAL A 869 -39.26 5.81 -2.70
C VAL A 869 -39.83 4.43 -2.36
N SER A 870 -40.97 4.09 -2.97
CA SER A 870 -41.64 2.84 -2.68
C SER A 870 -42.22 2.22 -3.94
N TRP A 871 -42.44 0.91 -3.91
CA TRP A 871 -43.04 0.22 -5.05
C TRP A 871 -43.88 -0.96 -4.58
N CYS A 872 -44.84 -1.36 -5.40
CA CYS A 872 -45.71 -2.49 -5.07
C CYS A 872 -46.33 -3.01 -6.34
C1 NAG B . 17.86 -9.21 40.39
C2 NAG B . 19.27 -8.94 39.88
C3 NAG B . 20.31 -9.09 41.00
C4 NAG B . 19.92 -8.33 42.27
C5 NAG B . 18.44 -8.60 42.60
C6 NAG B . 18.00 -7.74 43.77
C7 NAG B . 20.04 -9.43 37.63
C8 NAG B . 20.44 -10.47 36.63
N2 NAG B . 19.65 -9.87 38.83
O3 NAG B . 21.58 -8.65 40.52
O4 NAG B . 20.73 -8.77 43.36
O5 NAG B . 17.60 -8.32 41.48
O6 NAG B . 18.10 -6.36 43.45
O7 NAG B . 20.05 -8.23 37.33
C1 NAG B . 21.36 -7.65 44.05
C2 NAG B . 21.81 -8.14 45.43
C3 NAG B . 22.66 -7.12 46.17
C4 NAG B . 23.74 -6.49 45.27
C5 NAG B . 23.12 -6.02 43.94
C6 NAG B . 24.13 -5.44 42.94
C7 NAG B . 20.25 -9.77 46.38
C8 NAG B . 19.05 -10.03 47.24
N2 NAG B . 20.66 -8.51 46.25
O3 NAG B . 23.23 -7.75 47.29
O4 NAG B . 24.39 -5.42 45.97
O5 NAG B . 22.43 -7.11 43.33
O6 NAG B . 24.81 -6.47 42.23
O7 NAG B . 20.80 -10.71 45.82
C1 FUC B . 17.32 -5.65 44.45
C2 FUC B . 18.10 -4.33 44.18
C3 FUC B . 17.65 -3.57 42.93
C4 FUC B . 16.13 -3.39 42.86
C5 FUC B . 15.49 -4.70 43.26
C6 FUC B . 13.96 -4.65 43.34
O2 FUC B . 19.51 -4.54 44.17
O3 FUC B . 18.25 -2.30 42.91
O4 FUC B . 15.71 -2.36 43.73
O5 FUC B . 16.05 -5.03 44.53
C1 NAG C . 6.51 -22.78 23.24
C2 NAG C . 5.51 -23.82 23.72
C3 NAG C . 6.19 -24.86 24.59
C4 NAG C . 7.52 -25.32 24.02
C5 NAG C . 8.33 -24.17 23.42
C6 NAG C . 9.53 -24.74 22.66
C7 NAG C . 3.21 -23.33 24.29
C8 NAG C . 2.24 -22.72 25.27
N2 NAG C . 4.49 -23.25 24.58
O3 NAG C . 5.29 -25.95 24.84
O4 NAG C . 8.24 -25.86 25.11
O5 NAG C . 7.51 -23.45 22.52
O6 NAG C . 9.07 -25.43 21.53
O7 NAG C . 2.80 -23.88 23.28
C1 NAG C . 8.58 -27.23 24.93
C2 NAG C . 9.51 -27.63 26.07
C3 NAG C . 9.90 -29.10 25.99
C4 NAG C . 8.71 -30.01 25.65
C5 NAG C . 7.78 -29.41 24.58
C6 NAG C . 6.48 -30.19 24.43
C7 NAG C . 10.89 -25.81 26.92
C8 NAG C . 12.13 -24.98 26.72
N2 NAG C . 10.67 -26.76 26.02
O3 NAG C . 10.46 -29.47 27.23
O4 NAG C . 9.20 -31.26 25.18
O5 NAG C . 7.47 -28.09 24.95
O6 NAG C . 5.56 -29.76 25.41
O7 NAG C . 10.12 -25.59 27.86
C1 BMA C . 8.82 -32.36 26.03
C2 BMA C . 9.18 -33.67 25.32
C3 BMA C . 8.94 -34.90 26.21
C4 BMA C . 9.39 -34.67 27.65
C5 BMA C . 8.95 -33.32 28.19
C6 BMA C . 9.41 -33.06 29.62
O2 BMA C . 10.56 -33.64 24.89
O3 BMA C . 9.61 -36.03 25.64
O4 BMA C . 8.87 -35.69 28.49
O5 BMA C . 9.44 -32.29 27.33
O6 BMA C . 10.79 -33.45 29.77
C1 NAG D . -2.31 12.84 -31.47
C2 NAG D . -0.91 12.23 -31.53
C3 NAG D . -0.23 12.56 -32.85
C4 NAG D . -1.13 12.34 -34.06
C5 NAG D . -2.49 13.01 -33.82
C6 NAG D . -3.48 12.76 -34.95
C7 NAG D . 0.17 12.08 -29.33
C8 NAG D . 1.09 12.74 -28.35
N2 NAG D . -0.07 12.73 -30.47
O3 NAG D . 0.94 11.80 -32.96
O4 NAG D . -0.51 12.96 -35.18
O5 NAG D . -3.04 12.48 -32.63
O6 NAG D . -3.72 11.37 -35.02
O7 NAG D . -0.32 10.98 -29.06
C1 NAG D . -0.26 12.02 -36.26
C2 NAG D . -0.02 12.83 -37.54
C3 NAG D . 0.56 11.99 -38.67
C4 NAG D . 1.61 10.99 -38.19
C5 NAG D . 1.11 10.24 -36.95
C6 NAG D . 2.14 9.26 -36.38
C7 NAG D . -1.52 14.77 -37.61
C8 NAG D . -2.86 15.33 -37.97
N2 NAG D . -1.27 13.47 -37.88
O3 NAG D . 1.22 12.82 -39.62
O4 NAG D . 1.91 10.11 -39.25
O5 NAG D . 0.83 11.20 -35.95
O6 NAG D . 1.52 8.04 -36.05
O7 NAG D . -0.69 15.52 -37.07
C1 NAG E . 33.79 12.97 0.58
C2 NAG E . 34.96 12.21 0.02
C3 NAG E . 35.90 13.07 -0.83
C4 NAG E . 35.07 13.83 -1.87
C5 NAG E . 33.90 14.55 -1.18
C6 NAG E . 33.02 15.26 -2.19
C7 NAG E . 35.88 10.33 1.28
C8 NAG E . 36.75 9.86 2.41
N2 NAG E . 35.77 11.62 1.09
O3 NAG E . 36.89 12.21 -1.34
O4 NAG E . 35.81 14.78 -2.59
O5 NAG E . 33.11 13.62 -0.45
O6 NAG E . 32.06 16.02 -1.52
O7 NAG E . 35.29 9.49 0.60
C1 NAG E . 36.47 14.20 -3.73
C2 NAG E . 36.47 15.24 -4.85
C3 NAG E . 37.24 14.74 -6.07
C4 NAG E . 38.63 14.28 -5.67
C5 NAG E . 38.52 13.26 -4.55
C6 NAG E . 39.90 12.88 -4.08
C7 NAG E . 34.64 16.78 -5.30
C8 NAG E . 33.22 16.97 -5.76
N2 NAG E . 35.11 15.55 -5.25
O3 NAG E . 37.32 15.74 -7.05
O4 NAG E . 39.23 13.72 -6.81
O5 NAG E . 37.80 13.80 -3.44
O6 NAG E . 39.79 12.13 -2.91
O7 NAG E . 35.32 17.75 -4.95
C1 BMA E . 40.35 14.49 -7.27
C2 BMA E . 41.35 13.51 -7.85
C3 BMA E . 42.58 14.28 -8.36
C4 BMA E . 42.20 15.42 -9.30
C5 BMA E . 41.13 16.30 -8.65
C6 BMA E . 40.73 17.47 -9.56
O2 BMA E . 40.71 12.76 -8.88
O3 BMA E . 43.46 13.36 -9.02
O4 BMA E . 43.37 16.23 -9.56
O5 BMA E . 40.01 15.48 -8.27
O6 BMA E . 39.72 17.09 -10.49
C1 MAN E . 44.25 12.61 -8.06
C2 MAN E . 45.73 12.86 -8.35
C3 MAN E . 46.19 12.09 -9.59
C4 MAN E . 45.74 10.63 -9.55
C5 MAN E . 44.24 10.54 -9.26
C6 MAN E . 43.78 9.09 -9.13
O2 MAN E . 46.52 12.55 -7.22
O3 MAN E . 47.60 12.18 -9.69
O4 MAN E . 46.04 10.00 -10.78
O5 MAN E . 43.94 11.23 -8.06
O6 MAN E . 42.97 8.76 -10.23
C1 NAG F . 9.52 -2.35 -28.84
C2 NAG F . 10.83 -3.13 -28.69
C3 NAG F . 11.98 -2.34 -29.31
C4 NAG F . 11.61 -1.84 -30.71
C5 NAG F . 10.25 -1.17 -30.74
C6 NAG F . 9.82 -0.79 -32.16
C7 NAG F . 11.29 -4.74 -26.88
C8 NAG F . 11.69 -4.94 -25.43
N2 NAG F . 11.18 -3.46 -27.31
O3 NAG F . 13.08 -3.23 -29.40
O4 NAG F . 12.62 -0.95 -31.16
O5 NAG F . 9.31 -2.07 -30.21
O6 NAG F . 9.59 -1.95 -32.95
O7 NAG F . 11.08 -5.73 -27.59
C1 NAG F . 13.18 -1.46 -32.38
C2 NAG F . 13.87 -0.36 -33.19
C3 NAG F . 14.44 -0.97 -34.47
C4 NAG F . 15.31 -2.19 -34.15
C5 NAG F . 14.51 -3.19 -33.30
C6 NAG F . 15.27 -4.46 -32.92
C7 NAG F . 12.65 1.73 -32.73
C8 NAG F . 11.60 2.70 -33.20
N2 NAG F . 12.91 0.67 -33.52
O3 NAG F . 15.19 -0.01 -35.20
O4 NAG F . 15.75 -2.79 -35.35
O5 NAG F . 14.09 -2.52 -32.13
O6 NAG F . 16.17 -4.22 -31.85
O7 NAG F . 13.22 1.92 -31.65
C1 FUC F . 9.38 -1.65 -34.36
C2 FUC F . 9.67 -2.91 -35.19
C3 FUC F . 8.64 -3.99 -34.84
C4 FUC F . 7.23 -3.47 -35.15
C5 FUC F . 7.00 -2.11 -34.43
C6 FUC F . 5.65 -1.50 -34.79
O2 FUC F . 10.97 -3.40 -34.98
O3 FUC F . 8.94 -5.20 -35.53
O4 FUC F . 7.00 -3.35 -36.54
O5 FUC F . 8.07 -1.19 -34.67
S SO4 G . -8.98 15.58 8.68
O1 SO4 G . -9.57 16.33 9.81
O2 SO4 G . -7.58 15.99 8.49
O3 SO4 G . -9.03 14.13 8.93
O4 SO4 G . -9.80 15.96 7.51
S SO4 H . 3.89 -13.01 -20.89
O1 SO4 H . 3.68 -13.17 -19.40
O2 SO4 H . 5.35 -12.93 -21.16
O3 SO4 H . 3.31 -14.16 -21.59
O4 SO4 H . 3.24 -11.80 -21.47
CL CL I . -39.50 12.33 -7.97
CL CL J . 31.28 -31.34 5.97
CL CL K . -10.66 -13.29 20.11
CL CL L . -6.95 -16.48 -7.15
CL CL M . 12.69 4.51 -19.70
CL CL N . -7.66 -15.33 -16.58
CL CL O . 32.63 -19.94 14.20
CL CL P . 22.07 6.16 16.45
C1 PGE Q . 21.51 4.33 -17.36
O1 PGE Q . 21.85 5.70 -17.55
C2 PGE Q . 21.33 4.11 -15.86
O2 PGE Q . 20.12 3.41 -15.56
C3 PGE Q . 20.33 2.32 -14.67
C4 PGE Q . 19.33 2.39 -13.52
O4 PGE Q . 16.15 -0.89 -12.33
C6 PGE Q . 16.53 0.48 -12.54
C5 PGE Q . 18.06 0.62 -12.53
O3 PGE Q . 18.39 1.33 -13.71
C1 PEG R . -6.23 8.26 13.59
O1 PEG R . -7.62 8.18 13.93
C2 PEG R . -5.45 7.18 14.35
O2 PEG R . -4.09 7.16 13.86
C3 PEG R . -3.11 6.96 14.88
C4 PEG R . -1.69 7.22 14.39
O4 PEG R . -0.81 7.46 15.50
C1 EDO S . -6.70 -2.74 27.90
O1 EDO S . -7.52 -3.79 28.43
C2 EDO S . -5.34 -2.59 28.56
O2 EDO S . -4.69 -3.88 28.75
C1 EDO T . 20.09 30.54 7.23
O1 EDO T . 20.54 31.91 7.19
C2 EDO T . 18.58 30.53 7.07
O2 EDO T . 18.31 30.19 5.70
C1 EDO U . -0.33 -20.86 1.26
O1 EDO U . 0.84 -20.54 0.50
C2 EDO U . -0.80 -22.28 0.90
O2 EDO U . -1.10 -23.06 2.09
C1 EDO V . -13.17 -9.05 24.68
O1 EDO V . -14.47 -9.59 24.53
C2 EDO V . -12.56 -9.28 26.06
O2 EDO V . -11.58 -10.35 26.10
C1 EDO W . 32.89 -10.00 20.83
O1 EDO W . 33.49 -9.83 19.55
C2 EDO W . 33.12 -8.74 21.64
O2 EDO W . 32.18 -8.69 22.73
C1 EDO X . -28.12 -13.08 -0.58
O1 EDO X . -27.21 -12.65 0.42
C2 EDO X . -29.47 -12.73 0.03
O2 EDO X . -30.40 -12.82 -1.00
C1 EDO Y . -40.45 10.87 3.97
O1 EDO Y . -39.72 11.24 5.13
C2 EDO Y . -40.40 12.06 3.00
O2 EDO Y . -41.19 11.77 1.84
C1 EDO Z . 0.38 -26.92 10.20
O1 EDO Z . 0.65 -27.49 8.90
C2 EDO Z . -0.66 -25.80 10.10
O2 EDO Z . -0.65 -25.08 11.33
C1 EDO AA . 21.29 14.77 -19.74
O1 EDO AA . 20.32 15.76 -20.15
C2 EDO AA . 21.94 15.20 -18.44
O2 EDO AA . 22.62 14.09 -17.80
C1 EDO BA . 19.99 -16.84 4.78
O1 EDO BA . 19.03 -17.74 5.35
C2 EDO BA . 21.28 -16.80 5.60
O2 EDO BA . 21.99 -18.04 5.64
C1 EDO CA . 8.69 11.58 13.92
O1 EDO CA . 7.38 11.04 13.79
C2 EDO CA . 8.85 12.09 15.35
O2 EDO CA . 8.97 11.01 16.29
#